data_9CDG
#
_entry.id   9CDG
#
_cell.length_a   1.00
_cell.length_b   1.00
_cell.length_c   1.00
_cell.angle_alpha   90.00
_cell.angle_beta   90.00
_cell.angle_gamma   90.00
#
_symmetry.space_group_name_H-M   'P 1'
#
loop_
_entity.id
_entity.type
_entity.pdbx_description
1 polymer 'ATPase MORC2'
2 non-polymer 'ZINC ION'
3 non-polymer "ADENOSINE-5'-TRIPHOSPHATE"
4 non-polymer 'MAGNESIUM ION'
#
_entity_poly.entity_id   1
_entity_poly.type   'polypeptide(L)'
_entity_poly.pdbx_seq_one_letter_code
;MAFTNYSSLNRAQLTFEYLHTNSTTHEFLFGALAELVDNARDADATRIDIYAERREDLRGGFMLCFLDDGAGMDPSDAAS
VIQFGKAAKRTPESTQIGQYGNGLKSGSMRIGKDFILFTKKEDTMTCLFLSRTFHEEEGIDEVIVPLPTWNARTREPVTD
NVEKFAIETELIYKYSPFRTEEEVMTQFMKIPGDSGTLVIIFNLKLMDNGEPELDIISNPRDIQMAETSPEGTKPERRSF
RAYAAVLYIDPRMRIFIHGHKVQTKRLSCCLYKPRMYKYTSSRFKTRAEQEVKKAEHVARIAEEKAREAESKARTLEVRL
GGDLTRDSRVMLRQVQNRAITLRREADVKKRIKEAKQRALKEPKELNFVFGVNIEHRDLDGMFIYNCSRLIKMYEKVGPQ
LEGGMACGGVVGVVDVPYLVLEPTHNKQDFADAKEYRHLLRAMGEHLAQYWKDIAIAQRGIIKFWDEFGYLSANWNQPPS
SELRYKRRRAMEIPTTIQCDLCLKWRTLPFQLSSVEKDYPDTWVCSMNPDPEQDRCEASEQKQKVPLGTFRKDMKTQEEK
QKQLTEKIRQQQEKLEALQKTTPIRSQADLKKLPLEVTTRPSTEEPVRRPQRPRSPPLPAVIRNAPSRPPSLPTPRPASQ
PRKAPVISSTPKLPALAAREEASTSRLLQPPEAPRKPANTLVKTASRPAPLVQQLSPSLLPNSKSPREVPSPKVIKTPVV
KKTESPIKLSPATPSRKRSVAVSDEEEVEEEAERRKERCKRGRFVVKEEKKDSNELSDSAGEEDSADLKRAQKDKGLHVE
VRVNREWYTGRVTAVEVGKHVVRWKVKFDYVPTDTTPRDRWVEKGSEDVRLMKPPSPEHQSLDTQQEGGEEEVGPVAQQA
IAVAEPSTSECLRIEPDTTALSTNHETIDLLVQILRNCLRYFLPPSFPISKKQLSAMNSDELISFPLKEYFKQYEVGLQN
LCNSYQSRADSRAKASEESLRTSERKLRETEEKLQKLRTNIVALLQKVQEDIDINTDDELDAYIEDLITKGD
;
_entity_poly.pdbx_strand_id   A,B
#
loop_
_chem_comp.id
_chem_comp.type
_chem_comp.name
_chem_comp.formula
ATP non-polymer ADENOSINE-5'-TRIPHOSPHATE 'C10 H16 N5 O13 P3'
MG non-polymer 'MAGNESIUM ION' 'Mg 2'
ZN non-polymer 'ZINC ION' 'Zn 2'
#
# COMPACT_ATOMS: atom_id res chain seq x y z
N THR A 4 -6.18 23.22 -27.43
CA THR A 4 -5.06 23.62 -28.27
C THR A 4 -3.83 22.78 -27.98
N ASN A 5 -2.69 23.18 -28.55
CA ASN A 5 -1.45 22.44 -28.40
C ASN A 5 -0.82 22.70 -27.04
N TYR A 6 -0.41 21.63 -26.36
CA TYR A 6 0.26 21.71 -25.08
C TYR A 6 1.66 21.08 -25.14
N SER A 7 2.32 21.19 -26.29
CA SER A 7 3.62 20.55 -26.46
C SER A 7 4.71 21.22 -25.62
N SER A 8 4.67 22.54 -25.50
CA SER A 8 5.66 23.27 -24.72
C SER A 8 5.42 23.22 -23.23
N LEU A 9 4.30 22.65 -22.80
CA LEU A 9 3.90 22.65 -21.41
C LEU A 9 4.59 21.51 -20.67
N ASN A 10 4.90 21.74 -19.40
CA ASN A 10 5.58 20.75 -18.57
C ASN A 10 4.72 19.51 -18.35
N ARG A 11 5.39 18.36 -18.26
CA ARG A 11 4.74 17.08 -18.03
C ARG A 11 5.35 16.41 -16.82
N ALA A 12 4.53 15.64 -16.11
CA ALA A 12 5.04 14.84 -15.01
C ALA A 12 5.86 13.67 -15.54
N GLN A 13 7.08 13.52 -15.05
CA GLN A 13 8.00 12.52 -15.52
C GLN A 13 8.23 11.47 -14.45
N LEU A 14 8.99 10.45 -14.82
CA LEU A 14 9.39 9.39 -13.91
C LEU A 14 10.89 9.46 -13.68
N THR A 15 11.30 9.23 -12.45
CA THR A 15 12.72 9.21 -12.11
C THR A 15 13.11 7.81 -11.67
N PHE A 16 14.42 7.64 -11.49
CA PHE A 16 15.02 6.36 -11.12
C PHE A 16 14.44 5.85 -9.80
N GLU A 17 14.39 6.70 -8.78
CA GLU A 17 13.98 6.25 -7.45
C GLU A 17 12.50 5.95 -7.36
N TYR A 18 11.70 6.31 -8.36
CA TYR A 18 10.30 5.96 -8.34
C TYR A 18 10.09 4.47 -8.57
N LEU A 19 11.05 3.78 -9.18
CA LEU A 19 10.95 2.32 -9.27
C LEU A 19 11.00 1.69 -7.90
N HIS A 20 11.89 2.18 -7.03
CA HIS A 20 11.96 1.68 -5.66
C HIS A 20 10.72 2.12 -4.89
N THR A 21 10.24 3.34 -5.14
CA THR A 21 9.03 3.84 -4.48
C THR A 21 7.82 2.97 -4.84
N ASN A 22 7.68 2.68 -6.13
CA ASN A 22 6.66 1.76 -6.63
C ASN A 22 6.84 0.37 -6.04
N SER A 23 8.09 -0.05 -5.84
CA SER A 23 8.38 -1.34 -5.24
C SER A 23 7.96 -1.42 -3.78
N THR A 24 7.95 -0.28 -3.08
CA THR A 24 7.68 -0.30 -1.64
C THR A 24 6.22 -0.56 -1.32
N THR A 25 5.32 -0.60 -2.31
CA THR A 25 3.92 -0.87 -2.02
C THR A 25 3.68 -2.32 -1.61
N HIS A 26 4.60 -3.22 -1.92
CA HIS A 26 4.38 -4.65 -1.71
C HIS A 26 5.06 -5.03 -0.40
N GLU A 27 4.31 -4.91 0.70
CA GLU A 27 4.69 -5.59 1.93
C GLU A 27 4.66 -7.09 1.74
N PHE A 28 3.74 -7.59 0.91
CA PHE A 28 3.63 -9.00 0.59
C PHE A 28 4.42 -9.30 -0.68
N LEU A 29 5.59 -9.93 -0.52
CA LEU A 29 6.39 -10.35 -1.66
C LEU A 29 5.68 -11.41 -2.49
N PHE A 30 4.84 -12.22 -1.85
CA PHE A 30 3.99 -13.12 -2.62
C PHE A 30 2.94 -12.35 -3.39
N GLY A 31 2.51 -11.18 -2.89
CA GLY A 31 1.68 -10.29 -3.69
C GLY A 31 2.43 -9.73 -4.88
N ALA A 32 3.72 -9.45 -4.71
CA ALA A 32 4.56 -9.01 -5.83
C ALA A 32 4.69 -10.09 -6.90
N LEU A 33 4.83 -11.35 -6.47
CA LEU A 33 4.78 -12.48 -7.41
C LEU A 33 3.39 -12.61 -8.04
N ALA A 34 2.35 -12.39 -7.24
CA ALA A 34 0.98 -12.58 -7.67
C ALA A 34 0.58 -11.56 -8.72
N GLU A 35 1.23 -10.40 -8.74
CA GLU A 35 0.93 -9.46 -9.82
C GLU A 35 1.40 -9.97 -11.18
N LEU A 36 2.56 -10.63 -11.22
CA LEU A 36 3.01 -11.26 -12.46
C LEU A 36 2.10 -12.42 -12.86
N VAL A 37 1.65 -13.19 -11.86
CA VAL A 37 0.68 -14.25 -12.13
C VAL A 37 -0.64 -13.67 -12.65
N ASP A 38 -1.03 -12.49 -12.14
CA ASP A 38 -2.23 -11.81 -12.60
C ASP A 38 -2.09 -11.36 -14.05
N ASN A 39 -0.92 -10.85 -14.42
CA ASN A 39 -0.71 -10.43 -15.81
C ASN A 39 -0.70 -11.62 -16.75
N ALA A 40 -0.16 -12.75 -16.29
CA ALA A 40 -0.25 -13.96 -17.10
C ALA A 40 -1.68 -14.48 -17.19
N ARG A 41 -2.50 -14.24 -16.17
CA ARG A 41 -3.91 -14.63 -16.27
C ARG A 41 -4.66 -13.72 -17.22
N ASP A 42 -4.31 -12.43 -17.22
CA ASP A 42 -4.87 -11.49 -18.19
C ASP A 42 -4.39 -11.78 -19.61
N ALA A 43 -3.29 -12.50 -19.76
CA ALA A 43 -2.82 -12.95 -21.06
C ALA A 43 -3.62 -14.10 -21.65
N ASP A 44 -4.62 -14.62 -20.90
CA ASP A 44 -5.35 -15.85 -21.23
C ASP A 44 -4.39 -17.03 -21.40
N ALA A 45 -3.39 -17.11 -20.52
CA ALA A 45 -2.47 -18.23 -20.53
C ALA A 45 -3.10 -19.46 -19.92
N THR A 46 -2.87 -20.60 -20.56
CA THR A 46 -3.30 -21.86 -19.97
C THR A 46 -2.37 -22.33 -18.86
N ARG A 47 -1.15 -21.80 -18.82
CA ARG A 47 -0.15 -22.30 -17.88
C ARG A 47 0.92 -21.24 -17.66
N ILE A 48 1.21 -20.94 -16.40
CA ILE A 48 2.38 -20.15 -16.05
C ILE A 48 3.43 -21.11 -15.52
N ASP A 49 4.70 -20.73 -15.70
CA ASP A 49 5.82 -21.52 -15.21
C ASP A 49 6.69 -20.62 -14.33
N ILE A 50 6.75 -20.94 -13.05
CA ILE A 50 7.54 -20.18 -12.09
C ILE A 50 8.78 -21.00 -11.81
N TYR A 51 9.94 -20.55 -12.27
CA TYR A 51 11.12 -21.39 -12.05
C TYR A 51 12.32 -20.51 -11.76
N ALA A 52 13.29 -21.11 -11.10
CA ALA A 52 14.49 -20.43 -10.64
C ALA A 52 15.68 -20.90 -11.47
N GLU A 53 16.23 -20.00 -12.27
CA GLU A 53 17.44 -20.28 -13.02
C GLU A 53 18.64 -19.85 -12.19
N ARG A 54 19.47 -20.81 -11.79
CA ARG A 54 20.58 -20.54 -10.89
C ARG A 54 21.68 -19.78 -11.61
N ARG A 55 21.98 -18.58 -11.12
CA ARG A 55 23.01 -17.73 -11.70
C ARG A 55 23.79 -17.12 -10.55
N GLU A 56 24.99 -17.67 -10.28
CA GLU A 56 25.79 -17.20 -9.17
C GLU A 56 26.39 -15.81 -9.39
N ASP A 57 26.43 -15.33 -10.63
CA ASP A 57 26.99 -14.02 -10.93
C ASP A 57 26.01 -12.89 -10.65
N LEU A 58 24.77 -13.19 -10.28
CA LEU A 58 23.76 -12.19 -9.96
C LEU A 58 23.46 -12.21 -8.47
N ARG A 59 22.87 -11.11 -8.00
CA ARG A 59 22.49 -11.01 -6.61
C ARG A 59 21.34 -11.96 -6.29
N GLY A 60 21.43 -12.61 -5.13
CA GLY A 60 20.48 -13.62 -4.75
C GLY A 60 20.86 -15.03 -5.17
N GLY A 61 21.79 -15.16 -6.12
CA GLY A 61 22.27 -16.45 -6.55
C GLY A 61 21.45 -17.13 -7.62
N PHE A 62 20.28 -16.60 -7.94
CA PHE A 62 19.44 -17.22 -8.96
C PHE A 62 18.55 -16.19 -9.61
N MET A 63 18.09 -16.51 -10.81
CA MET A 63 17.11 -15.73 -11.54
C MET A 63 15.72 -16.19 -11.16
N LEU A 64 14.75 -15.29 -11.26
CA LEU A 64 13.36 -15.64 -11.05
C LEU A 64 12.59 -15.47 -12.34
N CYS A 65 12.07 -16.56 -12.88
CA CYS A 65 11.54 -16.60 -14.22
C CYS A 65 10.03 -16.83 -14.19
N PHE A 66 9.31 -16.09 -15.04
CA PHE A 66 7.85 -16.13 -15.12
C PHE A 66 7.49 -16.41 -16.56
N LEU A 67 7.35 -17.68 -16.92
CA LEU A 67 7.08 -18.10 -18.28
C LEU A 67 5.61 -18.50 -18.41
N ASP A 68 4.90 -17.89 -19.36
CA ASP A 68 3.52 -18.23 -19.60
C ASP A 68 3.28 -18.31 -21.10
N ASP A 69 2.23 -19.04 -21.48
CA ASP A 69 1.87 -19.24 -22.88
C ASP A 69 0.68 -18.40 -23.29
N GLY A 70 0.60 -17.17 -22.78
CA GLY A 70 -0.53 -16.32 -23.06
C GLY A 70 -0.49 -15.64 -24.42
N ALA A 71 -1.17 -14.51 -24.54
CA ALA A 71 -1.25 -13.82 -25.82
C ALA A 71 0.06 -13.13 -26.20
N GLY A 72 0.90 -12.79 -25.23
CA GLY A 72 2.13 -12.10 -25.53
C GLY A 72 1.89 -10.62 -25.82
N MET A 73 2.93 -9.98 -26.33
CA MET A 73 2.87 -8.56 -26.64
C MET A 73 3.40 -8.30 -28.04
N ASP A 74 2.77 -7.35 -28.73
CA ASP A 74 3.35 -6.74 -29.91
C ASP A 74 4.24 -5.58 -29.45
N PRO A 75 4.95 -4.90 -30.38
CA PRO A 75 5.66 -3.68 -29.98
C PRO A 75 4.78 -2.59 -29.38
N SER A 76 3.53 -2.44 -29.82
CA SER A 76 2.70 -1.35 -29.33
C SER A 76 2.32 -1.54 -27.86
N ASP A 77 1.79 -2.72 -27.50
CA ASP A 77 1.46 -2.91 -26.09
C ASP A 77 2.69 -3.24 -25.25
N ALA A 78 3.78 -3.71 -25.87
CA ALA A 78 5.04 -3.80 -25.15
C ALA A 78 5.58 -2.42 -24.78
N ALA A 79 5.40 -1.43 -25.66
CA ALA A 79 5.73 -0.06 -25.29
C ALA A 79 4.71 0.51 -24.31
N SER A 80 3.47 0.02 -24.35
CA SER A 80 2.47 0.43 -23.39
C SER A 80 2.66 -0.23 -22.03
N VAL A 81 3.58 -1.20 -21.91
CA VAL A 81 3.92 -1.75 -20.60
C VAL A 81 4.55 -0.68 -19.71
N ILE A 82 5.54 0.04 -20.26
CA ILE A 82 6.22 1.09 -19.48
C ILE A 82 5.44 2.38 -19.42
N GLN A 83 4.31 2.48 -20.13
CA GLN A 83 3.34 3.54 -19.88
C GLN A 83 2.62 3.20 -18.60
N PHE A 84 2.95 3.90 -17.52
CA PHE A 84 2.42 3.59 -16.19
C PHE A 84 0.95 3.98 -16.15
N GLY A 85 0.09 3.00 -15.94
CA GLY A 85 -1.34 3.23 -15.94
C GLY A 85 -1.90 3.01 -17.32
N LYS A 86 -2.63 1.90 -17.52
CA LYS A 86 -3.14 1.55 -18.84
C LYS A 86 -4.50 0.89 -18.68
N ALA A 87 -5.05 0.43 -19.81
CA ALA A 87 -6.36 -0.22 -19.95
C ALA A 87 -7.50 0.61 -19.36
N THR A 95 -13.31 -8.09 -18.10
CA THR A 95 -13.26 -8.98 -16.95
C THR A 95 -11.83 -9.40 -16.64
N GLN A 96 -10.90 -8.46 -16.82
CA GLN A 96 -9.49 -8.71 -16.54
C GLN A 96 -9.13 -8.17 -15.16
N ILE A 97 -8.15 -8.81 -14.54
CA ILE A 97 -7.67 -8.36 -13.23
C ILE A 97 -6.91 -7.06 -13.36
N GLY A 98 -6.06 -6.95 -14.38
CA GLY A 98 -5.22 -5.79 -14.54
C GLY A 98 -5.94 -4.55 -15.04
N GLN A 99 -6.02 -3.52 -14.20
CA GLN A 99 -6.58 -2.25 -14.60
C GLN A 99 -5.74 -1.05 -14.16
N TYR A 100 -4.79 -1.23 -13.26
CA TYR A 100 -4.01 -0.11 -12.76
C TYR A 100 -2.81 0.23 -13.61
N GLY A 101 -2.41 -0.66 -14.52
CA GLY A 101 -1.27 -0.43 -15.38
C GLY A 101 0.05 -0.35 -14.66
N ASN A 102 0.17 -0.98 -13.49
CA ASN A 102 1.30 -0.71 -12.61
C ASN A 102 1.95 -1.97 -12.07
N GLY A 103 1.16 -3.05 -11.98
CA GLY A 103 1.47 -4.18 -11.12
C GLY A 103 2.73 -4.94 -11.47
N LEU A 104 3.02 -5.10 -12.76
CA LEU A 104 4.27 -5.74 -13.15
C LEU A 104 5.48 -4.91 -12.73
N LYS A 105 5.40 -3.59 -12.92
CA LYS A 105 6.50 -2.71 -12.58
C LYS A 105 6.69 -2.61 -11.08
N SER A 106 5.60 -2.66 -10.32
CA SER A 106 5.73 -2.65 -8.86
C SER A 106 6.27 -3.98 -8.34
N GLY A 107 5.72 -5.10 -8.83
CA GLY A 107 6.13 -6.39 -8.32
C GLY A 107 7.55 -6.77 -8.68
N SER A 108 7.95 -6.54 -9.94
CA SER A 108 9.28 -6.94 -10.40
C SER A 108 10.38 -6.16 -9.69
N MET A 109 10.12 -4.90 -9.40
CA MET A 109 11.05 -4.12 -8.60
C MET A 109 10.95 -4.41 -7.10
N ARG A 110 9.85 -5.00 -6.64
CA ARG A 110 9.85 -5.50 -5.27
C ARG A 110 10.73 -6.74 -5.14
N ILE A 111 10.66 -7.65 -6.12
CA ILE A 111 11.43 -8.89 -6.04
C ILE A 111 12.91 -8.65 -6.26
N GLY A 112 13.24 -7.92 -7.32
CA GLY A 112 14.62 -7.82 -7.76
C GLY A 112 14.98 -6.40 -8.14
N LYS A 113 16.29 -6.18 -8.25
CA LYS A 113 16.78 -4.88 -8.68
C LYS A 113 16.42 -4.61 -10.13
N ASP A 114 16.54 -5.61 -10.99
CA ASP A 114 16.20 -5.45 -12.39
C ASP A 114 15.25 -6.56 -12.82
N PHE A 115 14.68 -6.36 -14.02
CA PHE A 115 13.92 -7.42 -14.65
C PHE A 115 14.02 -7.26 -16.15
N ILE A 116 14.15 -8.38 -16.85
CA ILE A 116 14.16 -8.44 -18.30
C ILE A 116 12.97 -9.29 -18.73
N LEU A 117 12.23 -8.79 -19.71
CA LEU A 117 10.99 -9.41 -20.14
C LEU A 117 11.09 -9.80 -21.60
N PHE A 118 10.84 -11.06 -21.91
CA PHE A 118 10.78 -11.54 -23.28
C PHE A 118 9.35 -11.95 -23.59
N THR A 119 8.79 -11.34 -24.63
CA THR A 119 7.43 -11.66 -25.03
C THR A 119 7.39 -11.87 -26.53
N LYS A 120 6.40 -12.64 -26.96
CA LYS A 120 6.27 -13.04 -28.35
C LYS A 120 4.79 -13.07 -28.68
N LYS A 121 4.42 -12.51 -29.83
CA LYS A 121 3.03 -12.50 -30.25
C LYS A 121 2.97 -12.41 -31.76
N GLU A 122 2.31 -13.40 -32.38
CA GLU A 122 2.07 -13.50 -33.83
C GLU A 122 3.42 -13.53 -34.55
N ASP A 123 3.68 -12.66 -35.52
CA ASP A 123 4.88 -12.72 -36.32
C ASP A 123 6.04 -11.95 -35.73
N THR A 124 5.90 -11.47 -34.50
CA THR A 124 6.90 -10.61 -33.90
C THR A 124 7.13 -10.99 -32.45
N MET A 125 8.23 -10.48 -31.91
CA MET A 125 8.65 -10.76 -30.55
C MET A 125 9.61 -9.67 -30.08
N THR A 126 9.52 -9.36 -28.78
CA THR A 126 10.05 -8.11 -28.27
C THR A 126 10.65 -8.35 -26.90
N CYS A 127 11.87 -7.83 -26.69
CA CYS A 127 12.44 -7.86 -25.36
C CYS A 127 12.16 -6.54 -24.64
N LEU A 128 11.92 -6.63 -23.33
CA LEU A 128 11.72 -5.45 -22.50
C LEU A 128 12.71 -5.54 -21.35
N PHE A 129 13.73 -4.70 -21.37
CA PHE A 129 14.73 -4.63 -20.32
C PHE A 129 14.48 -3.38 -19.50
N LEU A 130 14.29 -3.54 -18.20
CA LEU A 130 14.27 -2.40 -17.30
C LEU A 130 15.20 -2.72 -16.14
N SER A 131 16.32 -2.02 -16.08
CA SER A 131 17.44 -2.38 -15.22
C SER A 131 17.80 -1.22 -14.31
N ARG A 132 17.64 -1.40 -13.01
CA ARG A 132 18.13 -0.42 -12.08
C ARG A 132 19.65 -0.48 -11.94
N THR A 133 20.27 -1.61 -12.30
CA THR A 133 21.74 -1.66 -12.37
C THR A 133 22.28 -0.76 -13.45
N PHE A 134 21.60 -0.66 -14.59
CA PHE A 134 22.05 0.25 -15.65
C PHE A 134 21.95 1.69 -15.20
N HIS A 135 20.85 2.06 -14.54
CA HIS A 135 20.70 3.42 -14.06
C HIS A 135 21.66 3.75 -12.94
N GLU A 136 21.99 2.77 -12.08
CA GLU A 136 22.97 2.99 -11.03
C GLU A 136 24.37 3.16 -11.61
N GLU A 137 24.77 2.27 -12.52
CA GLU A 137 26.13 2.30 -13.04
C GLU A 137 26.33 3.42 -14.07
N GLU A 138 25.26 3.99 -14.61
CA GLU A 138 25.41 5.09 -15.55
C GLU A 138 24.88 6.41 -15.02
N GLY A 139 24.35 6.45 -13.80
CA GLY A 139 23.85 7.69 -13.22
C GLY A 139 22.63 8.24 -13.94
N ILE A 140 21.76 7.38 -14.45
CA ILE A 140 20.63 7.82 -15.24
C ILE A 140 19.51 8.27 -14.31
N ASP A 141 19.09 9.52 -14.45
CA ASP A 141 18.00 10.03 -13.62
C ASP A 141 16.66 9.50 -14.08
N GLU A 142 16.46 9.40 -15.39
CA GLU A 142 15.18 8.99 -15.94
C GLU A 142 15.04 7.47 -15.85
N VAL A 143 13.94 6.95 -16.39
CA VAL A 143 13.68 5.51 -16.43
C VAL A 143 13.76 5.11 -17.89
N ILE A 144 14.94 4.72 -18.34
CA ILE A 144 15.19 4.39 -19.74
C ILE A 144 15.04 2.88 -19.91
N VAL A 145 14.14 2.48 -20.82
CA VAL A 145 13.84 1.07 -21.04
C VAL A 145 14.27 0.70 -22.45
N PRO A 146 15.28 -0.15 -22.61
CA PRO A 146 15.57 -0.73 -23.94
C PRO A 146 14.42 -1.60 -24.42
N LEU A 147 14.02 -1.39 -25.67
CA LEU A 147 12.88 -2.08 -26.27
C LEU A 147 13.20 -2.55 -27.68
N PRO A 148 13.97 -3.64 -27.84
CA PRO A 148 14.18 -4.19 -29.17
C PRO A 148 13.05 -5.12 -29.57
N THR A 149 12.89 -5.29 -30.88
CA THR A 149 11.85 -6.12 -31.43
C THR A 149 12.43 -6.94 -32.56
N TRP A 150 12.23 -8.26 -32.50
CA TRP A 150 12.70 -9.16 -33.55
C TRP A 150 11.51 -9.81 -34.23
N ASN A 151 11.69 -10.11 -35.52
CA ASN A 151 10.72 -10.94 -36.23
C ASN A 151 10.78 -12.35 -35.66
N ALA A 152 9.60 -12.94 -35.43
CA ALA A 152 9.53 -14.20 -34.70
C ALA A 152 10.02 -15.38 -35.53
N ARG A 153 10.15 -15.21 -36.84
CA ARG A 153 10.65 -16.27 -37.71
C ARG A 153 12.09 -16.05 -38.15
N THR A 154 12.41 -14.88 -38.68
CA THR A 154 13.72 -14.62 -39.26
C THR A 154 14.72 -14.03 -38.27
N ARG A 155 14.26 -13.60 -37.09
CA ARG A 155 15.08 -12.99 -36.03
C ARG A 155 15.83 -11.76 -36.51
N GLU A 156 15.27 -11.04 -37.47
CA GLU A 156 15.87 -9.79 -37.90
C GLU A 156 15.40 -8.65 -37.01
N PRO A 157 16.20 -7.60 -36.87
CA PRO A 157 15.74 -6.41 -36.13
C PRO A 157 14.58 -5.73 -36.84
N VAL A 158 13.45 -5.62 -36.15
CA VAL A 158 12.27 -4.94 -36.67
C VAL A 158 12.19 -3.61 -35.94
N THR A 159 12.70 -2.56 -36.56
CA THR A 159 12.68 -1.23 -35.98
C THR A 159 12.84 -0.21 -37.11
N ASP A 160 12.50 1.04 -36.79
CA ASP A 160 12.74 2.15 -37.70
C ASP A 160 13.99 2.94 -37.33
N ASN A 161 14.74 2.49 -36.33
CA ASN A 161 15.93 3.21 -35.85
C ASN A 161 16.99 2.17 -35.49
N VAL A 162 17.89 1.90 -36.45
CA VAL A 162 18.89 0.85 -36.25
C VAL A 162 19.95 1.23 -35.22
N GLU A 163 20.29 2.51 -35.08
CA GLU A 163 21.21 2.91 -34.02
C GLU A 163 20.58 2.78 -32.65
N LYS A 164 19.29 3.09 -32.54
CA LYS A 164 18.56 2.88 -31.29
C LYS A 164 18.48 1.39 -30.96
N PHE A 165 18.27 0.55 -31.97
CA PHE A 165 18.27 -0.89 -31.78
C PHE A 165 19.64 -1.39 -31.30
N ALA A 166 20.71 -0.85 -31.88
CA ALA A 166 22.05 -1.24 -31.47
C ALA A 166 22.34 -0.83 -30.04
N ILE A 167 21.90 0.37 -29.65
CA ILE A 167 22.09 0.84 -28.27
C ILE A 167 21.30 0.00 -27.29
N GLU A 168 20.04 -0.32 -27.63
CA GLU A 168 19.19 -1.14 -26.78
C GLU A 168 19.76 -2.54 -26.60
N THR A 169 20.21 -3.16 -27.70
CA THR A 169 20.74 -4.51 -27.61
C THR A 169 22.06 -4.55 -26.88
N GLU A 170 22.95 -3.57 -27.12
CA GLU A 170 24.22 -3.55 -26.40
C GLU A 170 24.00 -3.25 -24.92
N LEU A 171 22.94 -2.53 -24.58
CA LEU A 171 22.60 -2.30 -23.18
C LEU A 171 22.11 -3.59 -22.54
N ILE A 172 21.32 -4.38 -23.28
CA ILE A 172 20.87 -5.68 -22.82
C ILE A 172 22.05 -6.62 -22.63
N TYR A 173 22.99 -6.62 -23.57
CA TYR A 173 24.14 -7.50 -23.46
C TYR A 173 25.12 -7.04 -22.38
N LYS A 174 25.08 -5.75 -22.00
CA LYS A 174 25.91 -5.24 -20.93
C LYS A 174 25.35 -5.50 -19.55
N TYR A 175 24.04 -5.33 -19.34
CA TYR A 175 23.49 -5.40 -18.00
C TYR A 175 22.56 -6.60 -17.76
N SER A 176 22.07 -7.23 -18.80
CA SER A 176 21.22 -8.41 -18.69
C SER A 176 22.08 -9.62 -18.33
N PRO A 177 21.46 -10.69 -17.81
CA PRO A 177 22.22 -11.94 -17.63
C PRO A 177 22.59 -12.64 -18.93
N PHE A 178 22.04 -12.21 -20.05
CA PHE A 178 22.25 -12.84 -21.35
C PHE A 178 23.13 -11.91 -22.17
N ARG A 179 24.43 -12.23 -22.24
CA ARG A 179 25.43 -11.32 -22.75
C ARG A 179 25.59 -11.36 -24.26
N THR A 180 24.95 -12.30 -24.94
CA THR A 180 25.02 -12.37 -26.40
C THR A 180 23.61 -12.37 -26.99
N GLU A 181 23.57 -12.14 -28.30
CA GLU A 181 22.33 -12.26 -29.05
C GLU A 181 21.78 -13.67 -28.98
N GLU A 182 22.67 -14.67 -29.06
CA GLU A 182 22.24 -16.07 -28.96
C GLU A 182 21.72 -16.39 -27.56
N GLU A 183 22.31 -15.78 -26.53
CA GLU A 183 21.81 -15.98 -25.18
C GLU A 183 20.45 -15.31 -24.98
N VAL A 184 20.20 -14.21 -25.69
CA VAL A 184 18.85 -13.64 -25.71
C VAL A 184 17.91 -14.55 -26.48
N MET A 185 18.41 -15.16 -27.57
CA MET A 185 17.57 -15.97 -28.44
C MET A 185 17.15 -17.26 -27.76
N THR A 186 17.98 -17.77 -26.87
CA THR A 186 17.62 -18.94 -26.08
C THR A 186 16.42 -18.65 -25.19
N GLN A 187 16.39 -17.47 -24.57
CA GLN A 187 15.24 -17.07 -23.78
C GLN A 187 14.03 -16.78 -24.66
N PHE A 188 14.26 -16.38 -25.91
CA PHE A 188 13.13 -16.14 -26.80
C PHE A 188 12.50 -17.43 -27.30
N MET A 189 13.29 -18.46 -27.55
CA MET A 189 12.74 -19.78 -27.86
C MET A 189 12.43 -20.59 -26.61
N LYS A 190 12.65 -20.03 -25.42
CA LYS A 190 12.11 -20.64 -24.21
C LYS A 190 10.59 -20.58 -24.18
N ILE A 191 9.99 -19.61 -24.86
CA ILE A 191 8.54 -19.60 -25.10
C ILE A 191 8.25 -20.67 -26.15
N PRO A 192 7.45 -21.69 -25.84
CA PRO A 192 7.28 -22.81 -26.78
C PRO A 192 6.29 -22.51 -27.90
N GLY A 193 5.21 -21.80 -27.59
CA GLY A 193 4.17 -21.55 -28.56
C GLY A 193 4.48 -20.37 -29.46
N ASP A 194 3.50 -20.04 -30.30
CA ASP A 194 3.60 -18.86 -31.14
C ASP A 194 3.44 -17.58 -30.36
N SER A 195 2.77 -17.62 -29.21
CA SER A 195 2.53 -16.46 -28.38
C SER A 195 2.81 -16.81 -26.94
N GLY A 196 3.52 -15.92 -26.25
CA GLY A 196 3.81 -16.14 -24.84
C GLY A 196 4.69 -15.03 -24.33
N THR A 197 4.91 -15.06 -23.01
CA THR A 197 5.72 -14.05 -22.34
C THR A 197 6.58 -14.71 -21.28
N LEU A 198 7.88 -14.43 -21.33
CA LEU A 198 8.81 -14.86 -20.29
C LEU A 198 9.31 -13.62 -19.57
N VAL A 199 9.05 -13.55 -18.26
CA VAL A 199 9.48 -12.44 -17.42
C VAL A 199 10.55 -12.97 -16.49
N ILE A 200 11.74 -12.40 -16.56
CA ILE A 200 12.88 -12.83 -15.77
C ILE A 200 13.15 -11.76 -14.73
N ILE A 201 13.18 -12.14 -13.46
CA ILE A 201 13.53 -11.23 -12.38
C ILE A 201 14.91 -11.63 -11.88
N PHE A 202 15.86 -10.71 -11.89
CA PHE A 202 17.20 -11.01 -11.44
C PHE A 202 17.72 -9.87 -10.58
N ASN A 203 18.89 -10.14 -9.97
CA ASN A 203 19.48 -9.31 -8.92
C ASN A 203 18.48 -9.08 -7.79
N LEU A 204 18.08 -10.18 -7.16
CA LEU A 204 17.00 -10.16 -6.20
C LEU A 204 17.43 -9.47 -4.91
N LYS A 205 16.44 -9.00 -4.16
CA LYS A 205 16.70 -8.37 -2.88
C LYS A 205 17.19 -9.39 -1.87
N LEU A 206 18.18 -8.99 -1.08
CA LEU A 206 18.73 -9.83 -0.04
C LEU A 206 18.14 -9.44 1.31
N MET A 207 18.30 -10.34 2.27
CA MET A 207 17.95 -10.04 3.65
C MET A 207 19.16 -9.49 4.36
N ASP A 208 19.10 -9.43 5.71
CA ASP A 208 20.21 -8.90 6.48
C ASP A 208 21.44 -9.82 6.42
N ASN A 209 21.23 -11.11 6.28
CA ASN A 209 22.32 -12.08 6.23
C ASN A 209 22.87 -12.30 4.83
N GLY A 210 22.36 -11.60 3.84
CA GLY A 210 22.81 -11.76 2.47
C GLY A 210 22.07 -12.83 1.69
N GLU A 211 21.23 -13.63 2.35
CA GLU A 211 20.43 -14.60 1.64
C GLU A 211 19.27 -13.90 0.94
N PRO A 212 18.81 -14.43 -0.20
CA PRO A 212 17.64 -13.86 -0.86
C PRO A 212 16.38 -14.10 -0.05
N GLU A 213 15.39 -13.22 -0.25
CA GLU A 213 14.15 -13.30 0.52
C GLU A 213 13.30 -14.49 0.12
N LEU A 214 13.44 -14.98 -1.11
CA LEU A 214 12.67 -16.13 -1.57
C LEU A 214 13.46 -17.41 -1.35
N ASP A 215 12.91 -18.30 -0.53
CA ASP A 215 13.57 -19.54 -0.16
C ASP A 215 13.18 -20.61 -1.17
N ILE A 216 14.14 -20.98 -2.02
CA ILE A 216 13.93 -22.00 -3.04
C ILE A 216 14.76 -23.25 -2.75
N ILE A 217 15.39 -23.34 -1.58
CA ILE A 217 16.30 -24.41 -1.26
C ILE A 217 15.70 -25.39 -0.27
N SER A 218 14.92 -24.90 0.69
CA SER A 218 14.32 -25.77 1.70
C SER A 218 13.27 -26.69 1.09
N ASN A 219 12.47 -26.15 0.17
CA ASN A 219 11.53 -26.96 -0.60
C ASN A 219 11.80 -26.74 -2.08
N PRO A 220 12.30 -27.75 -2.80
CA PRO A 220 12.65 -27.53 -4.22
C PRO A 220 11.45 -27.42 -5.14
N ARG A 221 10.25 -27.75 -4.66
CA ARG A 221 9.03 -27.58 -5.44
C ARG A 221 8.28 -26.32 -5.07
N ASP A 222 8.85 -25.48 -4.21
CA ASP A 222 8.12 -24.36 -3.64
C ASP A 222 9.01 -23.13 -3.58
N ILE A 223 8.36 -21.96 -3.60
CA ILE A 223 9.01 -20.70 -3.30
C ILE A 223 8.50 -20.26 -1.94
N GLN A 224 9.41 -20.06 -1.00
CA GLN A 224 9.04 -19.80 0.38
C GLN A 224 9.64 -18.51 0.89
N MET A 225 9.04 -17.99 1.94
CA MET A 225 9.64 -16.89 2.69
C MET A 225 10.85 -17.42 3.44
N ALA A 226 11.99 -16.74 3.30
CA ALA A 226 13.23 -17.21 3.91
C ALA A 226 13.28 -16.75 5.36
N GLU A 227 12.50 -17.44 6.20
CA GLU A 227 12.42 -17.08 7.61
C GLU A 227 12.02 -18.30 8.43
N THR A 228 12.24 -18.21 9.74
CA THR A 228 11.72 -19.19 10.66
C THR A 228 10.24 -18.92 10.89
N SER A 229 9.39 -19.86 10.50
CA SER A 229 7.95 -19.66 10.55
C SER A 229 7.39 -20.16 11.88
N PRO A 230 6.74 -19.31 12.67
CA PRO A 230 6.04 -19.80 13.86
C PRO A 230 4.80 -20.60 13.47
N GLU A 231 4.21 -21.25 14.48
CA GLU A 231 3.06 -22.11 14.26
C GLU A 231 1.80 -21.34 13.91
N GLY A 232 1.74 -20.05 14.22
CA GLY A 232 0.58 -19.24 13.86
C GLY A 232 0.60 -18.66 12.47
N THR A 233 1.65 -18.91 11.69
CA THR A 233 1.75 -18.36 10.35
C THR A 233 0.88 -19.14 9.39
N LYS A 234 0.10 -18.40 8.58
CA LYS A 234 -0.69 -19.02 7.53
C LYS A 234 0.24 -19.57 6.44
N PRO A 235 -0.14 -20.69 5.82
CA PRO A 235 0.70 -21.25 4.74
C PRO A 235 0.78 -20.36 3.51
N GLU A 236 -0.24 -19.55 3.25
CA GLU A 236 -0.21 -18.67 2.09
C GLU A 236 0.70 -17.47 2.28
N ARG A 237 1.09 -17.17 3.52
CA ARG A 237 2.01 -16.08 3.79
C ARG A 237 3.45 -16.54 3.88
N ARG A 238 3.70 -17.84 3.74
CA ARG A 238 5.05 -18.38 3.80
C ARG A 238 5.36 -19.37 2.69
N SER A 239 4.36 -19.79 1.91
CA SER A 239 4.57 -20.71 0.81
C SER A 239 3.83 -20.19 -0.42
N PHE A 240 4.57 -19.91 -1.48
CA PHE A 240 3.94 -19.40 -2.69
C PHE A 240 3.12 -20.47 -3.39
N ARG A 241 3.44 -21.75 -3.19
CA ARG A 241 2.62 -22.82 -3.73
C ARG A 241 1.23 -22.82 -3.10
N ALA A 242 1.18 -22.71 -1.76
CA ALA A 242 -0.11 -22.63 -1.08
C ALA A 242 -0.81 -21.30 -1.37
N TYR A 243 -0.06 -20.24 -1.61
CA TYR A 243 -0.67 -18.96 -1.95
C TYR A 243 -1.29 -18.98 -3.34
N ALA A 244 -0.56 -19.50 -4.34
CA ALA A 244 -1.07 -19.59 -5.69
C ALA A 244 -2.11 -20.68 -5.85
N ALA A 245 -2.21 -21.61 -4.89
CA ALA A 245 -3.29 -22.58 -4.91
C ALA A 245 -4.64 -21.91 -4.72
N VAL A 246 -4.71 -20.88 -3.87
CA VAL A 246 -5.97 -20.21 -3.60
C VAL A 246 -5.98 -18.77 -4.11
N LEU A 247 -5.00 -18.39 -4.95
CA LEU A 247 -4.91 -17.04 -5.47
C LEU A 247 -6.11 -16.64 -6.34
N TYR A 248 -6.77 -17.59 -6.97
CA TYR A 248 -7.91 -17.28 -7.83
C TYR A 248 -9.13 -18.09 -7.42
N ILE A 249 -10.30 -17.49 -7.67
CA ILE A 249 -11.56 -18.13 -7.29
C ILE A 249 -12.05 -19.09 -8.37
N ASP A 250 -11.57 -18.96 -9.61
CA ASP A 250 -11.85 -19.91 -10.67
C ASP A 250 -10.60 -20.11 -11.50
N PRO A 251 -9.63 -20.86 -10.98
CA PRO A 251 -8.33 -20.94 -11.66
C PRO A 251 -8.34 -21.87 -12.86
N ARG A 252 -8.35 -21.26 -14.05
CA ARG A 252 -8.12 -22.01 -15.27
C ARG A 252 -6.64 -22.05 -15.64
N MET A 253 -5.82 -21.26 -14.95
CA MET A 253 -4.37 -21.38 -15.06
C MET A 253 -3.88 -22.73 -14.53
N ARG A 254 -2.79 -23.19 -15.11
CA ARG A 254 -1.99 -24.25 -14.52
C ARG A 254 -0.72 -23.60 -13.98
N ILE A 255 -0.71 -23.31 -12.68
CA ILE A 255 0.47 -22.76 -12.02
C ILE A 255 1.51 -23.84 -11.90
N PHE A 256 2.72 -23.58 -12.40
CA PHE A 256 3.84 -24.50 -12.28
C PHE A 256 4.96 -23.79 -11.54
N ILE A 257 5.33 -24.31 -10.38
CA ILE A 257 6.45 -23.78 -9.60
C ILE A 257 7.57 -24.79 -9.65
N HIS A 258 8.71 -24.37 -10.22
CA HIS A 258 9.90 -25.21 -10.45
C HIS A 258 9.56 -26.46 -11.28
N GLY A 259 8.64 -26.31 -12.22
CA GLY A 259 8.22 -27.41 -13.05
C GLY A 259 7.17 -28.32 -12.45
N HIS A 260 6.76 -28.08 -11.20
CA HIS A 260 5.77 -28.89 -10.53
C HIS A 260 4.45 -28.13 -10.49
N LYS A 261 3.38 -28.78 -10.93
CA LYS A 261 2.09 -28.11 -11.02
C LYS A 261 1.52 -27.86 -9.63
N VAL A 262 1.06 -26.64 -9.40
CA VAL A 262 0.45 -26.29 -8.13
C VAL A 262 -0.98 -26.82 -8.11
N GLN A 263 -1.32 -27.57 -7.06
CA GLN A 263 -2.68 -28.08 -6.90
C GLN A 263 -3.57 -26.91 -6.48
N THR A 264 -4.01 -26.14 -7.49
CA THR A 264 -4.91 -25.03 -7.24
C THR A 264 -6.29 -25.55 -6.89
N LYS A 265 -7.09 -24.67 -6.28
CA LYS A 265 -8.43 -25.08 -5.88
C LYS A 265 -9.32 -23.86 -5.81
N ARG A 266 -10.57 -24.05 -6.22
CA ARG A 266 -11.64 -23.15 -5.78
C ARG A 266 -11.91 -23.50 -4.33
N LEU A 267 -11.81 -22.52 -3.45
CA LEU A 267 -11.78 -22.82 -2.02
C LEU A 267 -13.16 -23.17 -1.48
N SER A 268 -14.22 -22.82 -2.21
CA SER A 268 -15.58 -23.05 -1.76
C SER A 268 -15.93 -24.53 -1.73
N CYS A 269 -15.45 -25.31 -2.70
CA CYS A 269 -15.80 -26.73 -2.74
C CYS A 269 -14.94 -27.58 -1.84
N CYS A 270 -13.91 -27.02 -1.20
CA CYS A 270 -13.07 -27.74 -0.25
C CYS A 270 -13.52 -27.53 1.18
N LEU A 271 -14.83 -27.36 1.40
CA LEU A 271 -15.37 -26.99 2.69
C LEU A 271 -16.53 -27.90 3.05
N TYR A 272 -16.66 -28.18 4.35
CA TYR A 272 -17.73 -29.04 4.84
C TYR A 272 -19.02 -28.25 4.98
N LYS A 273 -20.09 -28.79 4.38
CA LYS A 273 -21.42 -28.21 4.27
C LYS A 273 -21.39 -26.76 3.76
N PRO A 274 -21.04 -26.53 2.49
CA PRO A 274 -21.00 -25.15 2.00
C PRO A 274 -22.41 -24.66 1.66
N ARG A 275 -22.77 -23.49 2.18
CA ARG A 275 -24.04 -22.86 1.88
C ARG A 275 -23.78 -21.47 1.30
N MET A 276 -24.55 -21.13 0.27
CA MET A 276 -24.35 -19.90 -0.49
C MET A 276 -25.38 -18.87 -0.06
N TYR A 277 -24.94 -17.63 0.10
CA TYR A 277 -25.82 -16.54 0.50
C TYR A 277 -25.75 -15.42 -0.52
N LYS A 278 -26.88 -15.13 -1.14
CA LYS A 278 -26.97 -14.07 -2.14
C LYS A 278 -27.38 -12.79 -1.41
N TYR A 279 -26.38 -11.98 -1.06
CA TYR A 279 -26.60 -10.75 -0.30
C TYR A 279 -26.79 -9.60 -1.27
N THR A 280 -27.96 -8.96 -1.21
CA THR A 280 -28.23 -7.81 -2.07
C THR A 280 -27.48 -6.61 -1.51
N SER A 281 -26.47 -6.15 -2.24
CA SER A 281 -25.63 -5.05 -1.81
C SER A 281 -26.17 -3.76 -2.41
N SER A 282 -26.51 -2.79 -1.55
CA SER A 282 -26.92 -1.48 -2.03
C SER A 282 -25.76 -0.73 -2.66
N ARG A 283 -24.53 -1.01 -2.22
CA ARG A 283 -23.34 -0.45 -2.84
C ARG A 283 -23.18 -0.93 -4.28
N PHE A 284 -23.46 -2.22 -4.51
CA PHE A 284 -23.44 -2.77 -5.87
C PHE A 284 -24.50 -2.11 -6.75
N LYS A 285 -25.68 -1.85 -6.19
CA LYS A 285 -26.72 -1.18 -6.97
C LYS A 285 -26.37 0.28 -7.22
N THR A 286 -25.79 0.96 -6.22
CA THR A 286 -25.52 2.40 -6.35
C THR A 286 -24.36 2.67 -7.31
N ARG A 287 -23.28 1.89 -7.21
CA ARG A 287 -22.15 2.07 -8.10
C ARG A 287 -22.47 1.67 -9.53
N ALA A 288 -23.40 0.72 -9.73
CA ALA A 288 -23.90 0.46 -11.06
C ALA A 288 -24.79 1.59 -11.56
N GLU A 289 -25.50 2.26 -10.65
CA GLU A 289 -26.42 3.32 -11.03
C GLU A 289 -25.71 4.62 -11.40
N GLN A 290 -24.47 4.81 -10.99
CA GLN A 290 -23.69 5.94 -11.47
C GLN A 290 -22.83 5.56 -12.66
N GLU A 291 -22.53 4.28 -12.82
CA GLU A 291 -21.76 3.83 -13.98
C GLU A 291 -22.57 3.95 -15.26
N VAL A 292 -23.89 3.76 -15.18
CA VAL A 292 -24.72 3.90 -16.37
C VAL A 292 -24.80 5.36 -16.81
N LYS A 293 -24.85 6.29 -15.86
CA LYS A 293 -25.01 7.70 -16.20
C LYS A 293 -23.70 8.37 -16.57
N LYS A 294 -22.55 7.76 -16.27
CA LYS A 294 -21.27 8.37 -16.56
C LYS A 294 -20.75 8.02 -17.95
N ALA A 295 -20.93 6.77 -18.37
CA ALA A 295 -20.33 6.32 -19.63
C ALA A 295 -21.07 6.86 -20.84
N GLU A 296 -22.38 7.09 -20.74
CA GLU A 296 -23.11 7.67 -21.86
C GLU A 296 -22.78 9.14 -22.01
N HIS A 297 -22.41 9.81 -20.91
CA HIS A 297 -21.97 11.20 -20.97
C HIS A 297 -20.68 11.34 -21.76
N VAL A 298 -19.75 10.39 -21.57
CA VAL A 298 -18.56 10.33 -22.40
C VAL A 298 -18.92 9.94 -23.82
N ALA A 299 -19.93 9.06 -23.98
CA ALA A 299 -20.29 8.57 -25.31
C ALA A 299 -20.98 9.63 -26.14
N ARG A 300 -21.82 10.47 -25.51
CA ARG A 300 -22.56 11.47 -26.27
C ARG A 300 -21.67 12.64 -26.68
N ILE A 301 -20.60 12.91 -25.93
CA ILE A 301 -19.68 13.97 -26.33
C ILE A 301 -18.59 13.45 -27.26
N ALA A 302 -18.36 12.13 -27.30
CA ALA A 302 -17.44 11.57 -28.28
C ALA A 302 -18.08 11.49 -29.66
N GLU A 303 -19.38 11.23 -29.72
CA GLU A 303 -20.07 11.17 -31.01
C GLU A 303 -20.26 12.55 -31.62
N GLU A 304 -20.35 13.58 -30.78
CA GLU A 304 -20.49 14.94 -31.28
C GLU A 304 -19.21 15.44 -31.92
N LYS A 305 -18.06 15.12 -31.32
CA LYS A 305 -16.78 15.53 -31.89
C LYS A 305 -16.42 14.69 -33.11
N ALA A 306 -16.85 13.44 -33.15
CA ALA A 306 -16.57 12.58 -34.30
C ALA A 306 -17.40 12.96 -35.52
N ARG A 307 -18.50 13.69 -35.33
CA ARG A 307 -19.32 14.15 -36.44
C ARG A 307 -18.63 15.28 -37.20
N ALA A 339 -9.89 13.10 -38.26
CA ALA A 339 -11.30 13.02 -37.95
C ALA A 339 -11.75 11.57 -37.80
N ILE A 340 -10.99 10.65 -38.41
CA ILE A 340 -11.31 9.23 -38.33
C ILE A 340 -10.93 8.62 -36.99
N THR A 341 -10.04 9.28 -36.23
CA THR A 341 -9.64 8.73 -34.94
C THR A 341 -10.72 8.92 -33.88
N LEU A 342 -11.54 9.96 -34.01
CA LEU A 342 -12.58 10.21 -33.03
C LEU A 342 -13.73 9.22 -33.18
N ARG A 343 -13.95 8.70 -34.39
CA ARG A 343 -14.97 7.66 -34.59
C ARG A 343 -14.55 6.36 -33.93
N ARG A 344 -13.25 6.01 -34.02
CA ARG A 344 -12.75 4.81 -33.36
C ARG A 344 -12.79 4.93 -31.84
N GLU A 345 -12.58 6.15 -31.33
CA GLU A 345 -12.73 6.38 -29.90
C GLU A 345 -14.20 6.29 -29.48
N ALA A 346 -15.10 6.83 -30.30
CA ALA A 346 -16.53 6.80 -29.98
C ALA A 346 -17.12 5.40 -30.17
N ASP A 347 -16.54 4.60 -31.07
CA ASP A 347 -17.06 3.25 -31.28
C ASP A 347 -16.75 2.35 -30.09
N VAL A 348 -15.56 2.46 -29.52
CA VAL A 348 -15.22 1.66 -28.34
C VAL A 348 -15.85 2.25 -27.08
N LYS A 349 -16.23 3.53 -27.10
CA LYS A 349 -16.92 4.12 -25.95
C LYS A 349 -18.36 3.64 -25.87
N LYS A 350 -19.06 3.56 -27.00
CA LYS A 350 -20.40 3.03 -27.02
C LYS A 350 -20.43 1.51 -26.86
N ARG A 351 -19.31 0.83 -27.16
CA ARG A 351 -19.21 -0.58 -26.85
C ARG A 351 -19.20 -0.81 -25.35
N ILE A 352 -18.52 0.06 -24.60
CA ILE A 352 -18.58 0.02 -23.15
C ILE A 352 -19.96 0.47 -22.67
N LYS A 353 -20.52 1.49 -23.34
CA LYS A 353 -21.81 2.05 -22.93
C LYS A 353 -22.96 1.07 -23.14
N GLU A 354 -22.93 0.32 -24.24
CA GLU A 354 -23.96 -0.69 -24.44
C GLU A 354 -23.77 -1.90 -23.53
N ALA A 355 -22.55 -2.14 -23.06
CA ALA A 355 -22.28 -3.33 -22.24
C ALA A 355 -22.82 -3.16 -20.83
N LYS A 356 -22.65 -1.99 -20.23
CA LYS A 356 -23.08 -1.79 -18.85
C LYS A 356 -24.60 -1.68 -18.72
N GLN A 357 -25.29 -1.27 -19.78
CA GLN A 357 -26.75 -1.23 -19.74
C GLN A 357 -27.34 -2.64 -19.71
N ARG A 358 -26.66 -3.60 -20.34
CA ARG A 358 -27.07 -4.99 -20.21
C ARG A 358 -26.78 -5.53 -18.82
N ALA A 359 -25.76 -4.98 -18.16
CA ALA A 359 -25.35 -5.44 -16.83
C ALA A 359 -26.14 -4.78 -15.71
N LEU A 360 -26.90 -3.72 -16.00
CA LEU A 360 -27.71 -3.09 -14.95
C LEU A 360 -28.90 -3.96 -14.58
N LYS A 361 -29.48 -4.66 -15.55
CA LYS A 361 -30.60 -5.56 -15.30
C LYS A 361 -30.17 -6.87 -14.66
N GLU A 362 -28.86 -7.12 -14.56
CA GLU A 362 -28.38 -8.27 -13.82
C GLU A 362 -28.68 -8.08 -12.32
N PRO A 363 -28.90 -9.19 -11.59
CA PRO A 363 -29.18 -9.06 -10.15
C PRO A 363 -27.98 -8.57 -9.36
N LYS A 364 -28.07 -7.36 -8.82
CA LYS A 364 -26.98 -6.74 -8.08
C LYS A 364 -26.92 -7.37 -6.68
N GLU A 365 -26.32 -8.55 -6.63
CA GLU A 365 -26.17 -9.31 -5.40
C GLU A 365 -24.73 -9.73 -5.24
N LEU A 366 -24.33 -9.95 -3.99
CA LEU A 366 -23.00 -10.43 -3.67
C LEU A 366 -23.09 -11.87 -3.21
N ASN A 367 -22.26 -12.74 -3.78
CA ASN A 367 -22.38 -14.18 -3.58
C ASN A 367 -21.50 -14.57 -2.40
N PHE A 368 -22.09 -14.75 -1.24
CA PHE A 368 -21.36 -15.12 -0.04
C PHE A 368 -21.38 -16.65 0.06
N VAL A 369 -20.21 -17.27 0.05
CA VAL A 369 -20.10 -18.72 0.20
C VAL A 369 -19.39 -18.99 1.52
N PHE A 370 -20.07 -19.70 2.40
CA PHE A 370 -19.52 -20.05 3.71
C PHE A 370 -19.43 -21.56 3.85
N GLY A 371 -18.30 -22.02 4.39
CA GLY A 371 -18.11 -23.43 4.63
C GLY A 371 -17.17 -23.65 5.78
N VAL A 372 -17.23 -24.85 6.34
CA VAL A 372 -16.40 -25.21 7.48
C VAL A 372 -15.13 -25.87 6.97
N ASN A 373 -13.99 -25.31 7.38
CA ASN A 373 -12.68 -25.87 7.04
C ASN A 373 -12.36 -26.96 8.05
N ILE A 374 -12.42 -28.22 7.61
CA ILE A 374 -12.23 -29.34 8.51
C ILE A 374 -10.85 -29.98 8.39
N GLU A 375 -10.16 -29.79 7.27
CA GLU A 375 -8.78 -30.29 7.17
C GLU A 375 -7.85 -29.46 8.04
N HIS A 376 -8.18 -28.19 8.25
CA HIS A 376 -7.43 -27.33 9.16
C HIS A 376 -8.41 -26.39 9.83
N ARG A 377 -8.72 -26.64 11.10
CA ARG A 377 -9.64 -25.78 11.84
C ARG A 377 -9.05 -24.41 12.07
N ASP A 378 -7.75 -24.33 12.36
CA ASP A 378 -7.12 -23.06 12.69
C ASP A 378 -6.92 -22.16 11.48
N LEU A 379 -7.01 -22.71 10.27
CA LEU A 379 -6.85 -21.90 9.06
C LEU A 379 -8.22 -21.44 8.55
N ASP A 380 -8.89 -20.66 9.39
CA ASP A 380 -10.20 -20.13 9.08
C ASP A 380 -10.13 -18.62 8.87
N GLY A 381 -11.18 -18.07 8.29
CA GLY A 381 -11.23 -16.67 8.00
C GLY A 381 -11.81 -16.42 6.62
N MET A 382 -12.06 -15.16 6.35
CA MET A 382 -12.76 -14.79 5.14
C MET A 382 -11.76 -14.59 4.01
N PHE A 383 -12.07 -15.12 2.84
CA PHE A 383 -11.22 -14.99 1.67
C PHE A 383 -11.98 -14.13 0.66
N ILE A 384 -11.61 -12.87 0.57
CA ILE A 384 -12.31 -11.92 -0.27
C ILE A 384 -11.58 -11.84 -1.60
N TYR A 385 -12.28 -12.19 -2.68
CA TYR A 385 -11.72 -12.18 -4.02
C TYR A 385 -12.30 -10.99 -4.76
N ASN A 386 -11.43 -10.16 -5.35
CA ASN A 386 -11.88 -9.04 -6.15
C ASN A 386 -11.50 -9.30 -7.61
N CYS A 387 -12.54 -9.38 -8.46
CA CYS A 387 -12.44 -9.77 -9.88
C CYS A 387 -11.69 -11.10 -9.99
N SER A 388 -12.16 -12.07 -9.19
CA SER A 388 -11.65 -13.44 -9.12
C SER A 388 -10.18 -13.52 -8.71
N ARG A 389 -9.66 -12.51 -8.04
CA ARG A 389 -8.28 -12.48 -7.58
C ARG A 389 -8.29 -12.22 -6.08
N LEU A 390 -7.51 -13.02 -5.35
CA LEU A 390 -7.51 -12.94 -3.90
C LEU A 390 -6.84 -11.65 -3.42
N ILE A 391 -7.52 -10.95 -2.52
CA ILE A 391 -7.03 -9.71 -1.95
C ILE A 391 -6.80 -9.86 -0.44
N LYS A 392 -7.81 -10.32 0.28
CA LYS A 392 -7.75 -10.46 1.73
C LYS A 392 -7.82 -11.92 2.09
N MET A 393 -6.92 -12.36 2.97
CA MET A 393 -6.86 -13.74 3.41
C MET A 393 -7.08 -13.81 4.90
N TYR A 394 -7.85 -14.83 5.31
CA TYR A 394 -8.04 -15.21 6.73
C TYR A 394 -8.64 -14.07 7.55
N GLU A 395 -9.54 -13.32 6.95
CA GLU A 395 -10.17 -12.20 7.64
C GLU A 395 -11.20 -12.73 8.64
N LYS A 396 -10.97 -12.44 9.92
CA LYS A 396 -11.90 -12.84 10.96
C LYS A 396 -12.97 -11.77 11.07
N VAL A 397 -14.22 -12.13 10.75
CA VAL A 397 -15.34 -11.20 10.84
C VAL A 397 -16.40 -11.82 11.74
N GLY A 398 -17.31 -10.97 12.21
CA GLY A 398 -18.44 -11.39 13.01
C GLY A 398 -18.04 -11.99 14.35
N PRO A 399 -18.57 -13.17 14.65
CA PRO A 399 -18.22 -13.85 15.90
C PRO A 399 -16.80 -14.41 15.93
N GLN A 400 -16.11 -14.46 14.78
CA GLN A 400 -14.71 -14.84 14.78
C GLN A 400 -13.83 -13.76 15.39
N LEU A 401 -14.29 -12.50 15.40
CA LEU A 401 -13.55 -11.42 16.04
C LEU A 401 -13.47 -11.60 17.54
N GLU A 402 -14.56 -12.03 18.16
CA GLU A 402 -14.56 -12.29 19.59
C GLU A 402 -13.77 -13.56 19.88
N GLY A 403 -12.92 -13.49 20.89
CA GLY A 403 -12.18 -14.66 21.30
C GLY A 403 -13.10 -15.64 21.99
N GLY A 404 -13.44 -16.71 21.28
CA GLY A 404 -14.46 -17.62 21.77
C GLY A 404 -14.53 -18.86 20.91
N MET A 405 -15.40 -19.76 21.33
CA MET A 405 -15.44 -21.10 20.79
C MET A 405 -16.32 -21.21 19.54
N ALA A 406 -17.29 -20.32 19.38
CA ALA A 406 -18.27 -20.42 18.31
C ALA A 406 -17.74 -19.80 17.02
N CYS A 407 -18.28 -20.27 15.88
CA CYS A 407 -17.94 -19.82 14.53
C CYS A 407 -16.46 -20.00 14.20
N GLY A 408 -15.83 -21.01 14.80
CA GLY A 408 -14.43 -21.30 14.52
C GLY A 408 -14.32 -22.41 13.49
N GLY A 409 -13.38 -22.26 12.57
CA GLY A 409 -13.23 -23.20 11.50
C GLY A 409 -14.04 -22.90 10.27
N VAL A 410 -14.73 -21.76 10.24
CA VAL A 410 -15.60 -21.39 9.13
C VAL A 410 -14.82 -20.48 8.19
N VAL A 411 -14.85 -20.81 6.91
CA VAL A 411 -14.16 -20.04 5.88
C VAL A 411 -15.21 -19.45 4.96
N GLY A 412 -15.18 -18.13 4.80
CA GLY A 412 -16.09 -17.45 3.89
C GLY A 412 -15.35 -16.99 2.64
N VAL A 413 -16.03 -17.06 1.51
CA VAL A 413 -15.44 -16.77 0.22
C VAL A 413 -16.44 -15.93 -0.57
N VAL A 414 -15.98 -14.78 -1.09
CA VAL A 414 -16.82 -13.90 -1.88
C VAL A 414 -16.04 -13.47 -3.12
N ASP A 415 -16.71 -13.47 -4.27
CA ASP A 415 -16.14 -12.89 -5.49
C ASP A 415 -16.71 -11.50 -5.64
N VAL A 416 -16.00 -10.53 -5.08
CA VAL A 416 -16.41 -9.13 -5.20
C VAL A 416 -16.10 -8.65 -6.61
N PRO A 417 -17.06 -8.09 -7.33
CA PRO A 417 -16.76 -7.53 -8.65
C PRO A 417 -16.03 -6.20 -8.53
N TYR A 418 -15.56 -5.72 -9.68
CA TYR A 418 -14.88 -4.42 -9.71
C TYR A 418 -15.85 -3.25 -9.52
N LEU A 419 -17.15 -3.48 -9.67
CA LEU A 419 -18.11 -2.41 -9.44
C LEU A 419 -18.26 -2.10 -7.96
N VAL A 420 -18.09 -3.10 -7.10
CA VAL A 420 -18.28 -2.89 -5.66
C VAL A 420 -17.06 -2.19 -5.07
N LEU A 421 -15.88 -2.81 -5.16
CA LEU A 421 -14.65 -2.14 -4.76
C LEU A 421 -13.54 -2.36 -5.77
N GLU A 422 -12.50 -1.58 -5.64
CA GLU A 422 -11.22 -1.55 -6.31
C GLU A 422 -10.13 -1.99 -5.35
N PRO A 423 -9.09 -2.67 -5.83
CA PRO A 423 -7.98 -3.05 -4.95
C PRO A 423 -7.07 -1.85 -4.69
N THR A 424 -6.14 -2.04 -3.76
CA THR A 424 -5.16 -1.02 -3.45
C THR A 424 -4.03 -1.07 -4.49
N HIS A 425 -2.96 -0.32 -4.21
CA HIS A 425 -1.80 -0.29 -5.10
C HIS A 425 -1.11 -1.64 -5.19
N ASN A 426 -1.01 -2.33 -4.06
CA ASN A 426 -0.40 -3.65 -4.01
C ASN A 426 -1.39 -4.76 -4.34
N LYS A 427 -2.68 -4.41 -4.46
CA LYS A 427 -3.79 -5.36 -4.56
C LYS A 427 -3.79 -6.35 -3.40
N GLN A 428 -3.50 -5.84 -2.21
CA GLN A 428 -3.56 -6.61 -0.99
C GLN A 428 -4.56 -6.04 -0.01
N ASP A 429 -5.25 -4.96 -0.37
CA ASP A 429 -6.30 -4.36 0.43
C ASP A 429 -7.28 -3.71 -0.52
N PHE A 430 -8.19 -2.91 0.02
CA PHE A 430 -9.20 -2.23 -0.77
C PHE A 430 -9.11 -0.72 -0.55
N ALA A 431 -9.33 0.03 -1.64
CA ALA A 431 -9.24 1.48 -1.57
C ALA A 431 -10.36 2.07 -0.73
N ASP A 432 -11.58 1.57 -0.88
CA ASP A 432 -12.72 2.05 -0.10
C ASP A 432 -12.77 1.25 1.20
N ALA A 433 -12.11 1.78 2.23
CA ALA A 433 -12.09 1.12 3.53
C ALA A 433 -13.44 1.11 4.20
N LYS A 434 -14.25 2.16 4.00
CA LYS A 434 -15.59 2.22 4.60
C LYS A 434 -16.49 1.14 4.02
N GLU A 435 -16.51 1.00 2.70
CA GLU A 435 -17.32 -0.03 2.07
C GLU A 435 -16.74 -1.42 2.27
N TYR A 436 -15.43 -1.54 2.43
CA TYR A 436 -14.83 -2.82 2.82
C TYR A 436 -15.28 -3.22 4.21
N ARG A 437 -15.34 -2.29 5.15
CA ARG A 437 -15.81 -2.60 6.49
C ARG A 437 -17.30 -2.88 6.51
N HIS A 438 -18.06 -2.22 5.64
CA HIS A 438 -19.48 -2.55 5.48
C HIS A 438 -19.66 -3.96 4.95
N LEU A 439 -18.83 -4.35 3.98
CA LEU A 439 -18.84 -5.72 3.46
C LEU A 439 -18.45 -6.72 4.53
N LEU A 440 -17.48 -6.38 5.37
CA LEU A 440 -17.07 -7.27 6.45
C LEU A 440 -18.16 -7.42 7.51
N ARG A 441 -18.90 -6.35 7.81
CA ARG A 441 -20.02 -6.45 8.74
C ARG A 441 -21.16 -7.29 8.16
N ALA A 442 -21.45 -7.11 6.86
CA ALA A 442 -22.46 -7.93 6.20
C ALA A 442 -22.05 -9.40 6.18
N MET A 443 -20.77 -9.67 5.93
CA MET A 443 -20.23 -11.01 5.98
C MET A 443 -20.22 -11.58 7.40
N GLY A 444 -20.07 -10.73 8.42
CA GLY A 444 -20.21 -11.20 9.78
C GLY A 444 -21.63 -11.62 10.14
N GLU A 445 -22.62 -10.81 9.75
CA GLU A 445 -23.99 -11.21 10.02
C GLU A 445 -24.43 -12.40 9.18
N HIS A 446 -23.89 -12.54 7.96
CA HIS A 446 -24.14 -13.74 7.18
C HIS A 446 -23.41 -14.95 7.75
N LEU A 447 -22.26 -14.74 8.39
CA LEU A 447 -21.59 -15.81 9.11
C LEU A 447 -22.42 -16.29 10.28
N ALA A 448 -23.02 -15.36 11.02
CA ALA A 448 -23.90 -15.75 12.11
C ALA A 448 -25.13 -16.50 11.60
N GLN A 449 -25.70 -16.04 10.49
CA GLN A 449 -26.81 -16.74 9.85
C GLN A 449 -26.41 -18.14 9.38
N TYR A 450 -25.21 -18.27 8.82
CA TYR A 450 -24.70 -19.56 8.38
C TYR A 450 -24.48 -20.49 9.56
N TRP A 451 -23.92 -19.98 10.66
CA TRP A 451 -23.66 -20.77 11.85
C TRP A 451 -24.94 -21.28 12.48
N LYS A 452 -25.99 -20.44 12.54
CA LYS A 452 -27.25 -20.97 13.03
C LYS A 452 -27.97 -21.83 12.00
N ASP A 453 -27.58 -21.72 10.72
CA ASP A 453 -28.17 -22.57 9.69
C ASP A 453 -27.61 -23.99 9.69
N ILE A 454 -26.31 -24.16 9.96
CA ILE A 454 -25.69 -25.48 9.76
C ILE A 454 -25.95 -26.46 10.89
N ALA A 455 -26.68 -26.05 11.94
CA ALA A 455 -27.23 -26.92 12.98
C ALA A 455 -26.15 -27.56 13.87
N ILE A 456 -24.92 -27.03 13.82
CA ILE A 456 -23.96 -27.25 14.91
C ILE A 456 -24.44 -26.64 16.21
N ALA A 457 -25.34 -25.65 16.16
CA ALA A 457 -26.02 -25.19 17.37
C ALA A 457 -26.84 -26.29 18.04
N GLN A 458 -27.30 -27.29 17.28
CA GLN A 458 -28.02 -28.41 17.92
C GLN A 458 -27.10 -29.63 18.14
N ARG A 459 -26.35 -30.07 17.12
CA ARG A 459 -25.42 -31.18 17.36
C ARG A 459 -24.13 -30.64 17.96
N GLY A 460 -23.76 -31.16 19.14
CA GLY A 460 -22.77 -30.60 20.05
C GLY A 460 -21.47 -30.03 19.54
N ILE A 461 -21.04 -28.92 20.16
CA ILE A 461 -19.87 -28.15 19.70
C ILE A 461 -18.59 -28.96 19.85
N ILE A 462 -18.40 -29.62 20.99
CA ILE A 462 -17.20 -30.43 21.19
C ILE A 462 -17.39 -31.85 20.70
N LYS A 463 -18.63 -32.28 20.46
CA LYS A 463 -18.89 -33.60 19.91
C LYS A 463 -18.77 -33.64 18.40
N PHE A 464 -18.81 -32.48 17.75
CA PHE A 464 -18.68 -32.44 16.30
C PHE A 464 -17.23 -32.39 15.87
N TRP A 465 -16.39 -31.64 16.59
CA TRP A 465 -15.01 -31.45 16.15
C TRP A 465 -14.12 -32.64 16.50
N ASP A 466 -14.37 -33.30 17.64
CA ASP A 466 -13.48 -34.38 18.06
C ASP A 466 -13.65 -35.64 17.24
N GLU A 467 -14.86 -35.89 16.73
CA GLU A 467 -15.10 -37.02 15.85
C GLU A 467 -14.59 -36.78 14.44
N PHE A 468 -14.20 -35.55 14.13
CA PHE A 468 -13.65 -35.21 12.82
C PHE A 468 -12.13 -35.22 12.82
N GLY A 469 -11.50 -35.64 13.92
CA GLY A 469 -10.06 -35.74 14.01
C GLY A 469 -9.40 -34.78 14.98
N TYR A 470 -10.15 -33.88 15.61
CA TYR A 470 -9.57 -32.89 16.51
C TYR A 470 -9.76 -33.32 17.96
N LEU A 471 -8.95 -34.30 18.36
CA LEU A 471 -9.03 -34.82 19.72
C LEU A 471 -8.38 -33.90 20.74
N SER A 472 -7.39 -33.11 20.33
CA SER A 472 -6.66 -32.27 21.25
C SER A 472 -7.48 -31.07 21.68
N ALA A 473 -7.18 -30.55 22.88
CA ALA A 473 -7.85 -29.37 23.39
C ALA A 473 -7.26 -28.07 22.83
N ASN A 474 -6.15 -28.14 22.11
CA ASN A 474 -5.54 -26.97 21.51
C ASN A 474 -6.34 -26.55 20.26
N TRP A 475 -6.05 -25.34 19.77
CA TRP A 475 -6.64 -24.82 18.55
C TRP A 475 -5.75 -25.00 17.32
N ASN A 476 -4.46 -24.71 17.43
CA ASN A 476 -3.62 -24.57 16.26
C ASN A 476 -3.02 -25.88 15.78
N GLN A 477 -3.27 -27.00 16.47
CA GLN A 477 -2.66 -28.23 16.01
C GLN A 477 -3.44 -28.82 14.83
N PRO A 478 -2.76 -29.54 13.93
CA PRO A 478 -3.45 -30.25 12.86
C PRO A 478 -4.27 -31.41 13.41
N PRO A 479 -5.31 -31.85 12.69
CA PRO A 479 -6.13 -32.97 13.20
C PRO A 479 -5.40 -34.31 13.17
N SER A 480 -6.03 -35.33 13.74
CA SER A 480 -5.39 -36.63 13.87
C SER A 480 -5.20 -37.31 12.50
N SER A 481 -4.04 -37.93 12.32
CA SER A 481 -3.71 -38.64 11.10
C SER A 481 -4.18 -40.09 11.11
N GLU A 482 -5.01 -40.46 12.07
CA GLU A 482 -5.59 -41.79 12.12
C GLU A 482 -6.57 -41.98 10.97
N LEU A 483 -6.63 -43.21 10.46
CA LEU A 483 -7.24 -43.49 9.17
C LEU A 483 -8.75 -43.25 9.14
N ARG A 484 -9.45 -43.56 10.23
CA ARG A 484 -10.90 -43.36 10.22
C ARG A 484 -11.25 -41.87 10.28
N TYR A 485 -10.43 -41.07 10.97
CA TYR A 485 -10.63 -39.62 10.96
C TYR A 485 -10.27 -39.02 9.61
N LYS A 486 -9.21 -39.52 8.97
CA LYS A 486 -8.82 -39.05 7.65
C LYS A 486 -9.89 -39.37 6.61
N ARG A 487 -10.44 -40.58 6.66
CA ARG A 487 -11.50 -40.95 5.72
C ARG A 487 -12.81 -40.21 6.02
N ARG A 488 -13.10 -39.96 7.31
CA ARG A 488 -14.28 -39.19 7.69
C ARG A 488 -14.20 -37.76 7.18
N ARG A 489 -13.01 -37.16 7.26
CA ARG A 489 -12.80 -35.84 6.65
C ARG A 489 -12.83 -35.92 5.14
N ALA A 490 -12.43 -37.07 4.57
CA ALA A 490 -12.32 -37.17 3.12
C ALA A 490 -13.67 -37.32 2.45
N MET A 491 -14.62 -38.03 3.06
CA MET A 491 -15.86 -38.31 2.34
C MET A 491 -16.80 -37.12 2.31
N GLU A 492 -16.64 -36.15 3.22
CA GLU A 492 -17.49 -34.96 3.18
C GLU A 492 -17.14 -34.06 2.00
N ILE A 493 -15.85 -33.79 1.81
CA ILE A 493 -15.43 -32.89 0.73
C ILE A 493 -15.30 -33.71 -0.56
N PRO A 494 -16.00 -33.35 -1.62
CA PRO A 494 -15.75 -34.00 -2.92
C PRO A 494 -14.40 -33.57 -3.48
N THR A 495 -13.71 -34.53 -4.09
CA THR A 495 -12.38 -34.28 -4.63
C THR A 495 -12.52 -33.60 -5.99
N THR A 496 -12.33 -32.29 -6.03
CA THR A 496 -12.42 -31.51 -7.25
C THR A 496 -11.02 -31.17 -7.73
N ILE A 497 -10.62 -31.79 -8.83
CA ILE A 497 -9.28 -31.66 -9.40
C ILE A 497 -9.40 -31.38 -10.90
N GLN A 498 -8.35 -30.81 -11.49
CA GLN A 498 -8.42 -30.21 -12.81
C GLN A 498 -7.66 -31.02 -13.85
N CYS A 499 -8.23 -31.11 -15.05
CA CYS A 499 -7.53 -31.71 -16.17
C CYS A 499 -6.44 -30.77 -16.69
N ASP A 500 -5.52 -31.32 -17.49
CA ASP A 500 -4.37 -30.58 -17.95
C ASP A 500 -4.53 -29.97 -19.33
N LEU A 501 -5.35 -30.53 -20.21
CA LEU A 501 -5.49 -30.01 -21.56
C LEU A 501 -6.66 -29.03 -21.67
N CYS A 502 -7.88 -29.50 -21.36
CA CYS A 502 -9.05 -28.64 -21.46
C CYS A 502 -9.25 -27.75 -20.24
N LEU A 503 -8.45 -27.96 -19.18
CA LEU A 503 -8.42 -27.16 -17.95
C LEU A 503 -9.75 -27.18 -17.20
N LYS A 504 -10.60 -28.16 -17.44
CA LYS A 504 -11.88 -28.23 -16.76
C LYS A 504 -11.71 -28.88 -15.39
N TRP A 505 -12.63 -28.56 -14.50
CA TRP A 505 -12.60 -29.05 -13.13
C TRP A 505 -13.55 -30.24 -13.00
N ARG A 506 -13.00 -31.40 -12.67
CA ARG A 506 -13.77 -32.63 -12.56
C ARG A 506 -13.83 -33.09 -11.12
N THR A 507 -14.94 -33.70 -10.75
CA THR A 507 -15.16 -34.19 -9.39
C THR A 507 -15.02 -35.70 -9.37
N LEU A 508 -14.29 -36.21 -8.40
CA LEU A 508 -14.11 -37.65 -8.27
C LEU A 508 -15.00 -38.19 -7.16
N PRO A 509 -15.67 -39.33 -7.38
CA PRO A 509 -16.59 -39.86 -6.37
C PRO A 509 -15.89 -40.56 -5.21
N PHE A 510 -14.58 -40.77 -5.28
CA PHE A 510 -13.85 -41.45 -4.21
C PHE A 510 -13.72 -40.56 -2.99
N ASP A 521 -1.01 -35.68 -9.43
CA ASP A 521 -0.06 -35.66 -10.53
C ASP A 521 -0.64 -34.98 -11.77
N THR A 522 0.00 -35.24 -12.91
CA THR A 522 -0.56 -34.79 -14.19
C THR A 522 -1.80 -35.63 -14.50
N TRP A 523 -2.95 -34.98 -14.57
CA TRP A 523 -4.23 -35.68 -14.64
C TRP A 523 -5.01 -35.24 -15.86
N VAL A 524 -5.63 -36.20 -16.52
CA VAL A 524 -6.37 -35.99 -17.75
C VAL A 524 -7.81 -36.44 -17.47
N CYS A 525 -8.77 -35.88 -18.21
CA CYS A 525 -10.18 -36.26 -18.06
C CYS A 525 -10.46 -37.72 -18.42
N SER A 526 -9.55 -38.40 -19.13
CA SER A 526 -9.77 -39.79 -19.53
C SER A 526 -9.80 -40.76 -18.35
N MET A 527 -8.94 -40.61 -17.35
CA MET A 527 -9.01 -41.48 -16.18
C MET A 527 -9.93 -40.95 -15.08
N ASN A 528 -10.94 -40.18 -15.44
CA ASN A 528 -12.05 -39.91 -14.54
C ASN A 528 -12.90 -41.18 -14.43
N PRO A 529 -13.10 -41.74 -13.23
CA PRO A 529 -13.95 -42.94 -13.11
C PRO A 529 -15.42 -42.68 -13.37
N ASP A 530 -15.87 -41.44 -13.32
CA ASP A 530 -17.27 -41.13 -13.59
C ASP A 530 -17.55 -41.26 -15.09
N PRO A 531 -18.56 -42.05 -15.49
CA PRO A 531 -18.84 -42.20 -16.93
C PRO A 531 -19.41 -40.94 -17.59
N GLU A 532 -20.00 -40.03 -16.83
CA GLU A 532 -20.58 -38.83 -17.43
C GLU A 532 -19.52 -37.82 -17.83
N GLN A 533 -18.36 -37.85 -17.22
CA GLN A 533 -17.31 -36.86 -17.44
C GLN A 533 -15.96 -37.52 -17.65
N ASP A 534 -15.93 -38.56 -18.47
CA ASP A 534 -14.68 -39.25 -18.77
C ASP A 534 -13.96 -38.69 -19.99
N ARG A 535 -14.47 -37.61 -20.58
CA ARG A 535 -13.88 -37.04 -21.77
C ARG A 535 -13.67 -35.53 -21.58
N CYS A 536 -12.73 -34.99 -22.36
CA CYS A 536 -12.43 -33.56 -22.28
C CYS A 536 -13.47 -32.71 -23.00
N GLU A 537 -14.27 -33.30 -23.87
CA GLU A 537 -15.34 -32.61 -24.57
C GLU A 537 -16.62 -32.53 -23.76
N ALA A 538 -16.65 -33.11 -22.55
CA ALA A 538 -17.83 -33.11 -21.72
C ALA A 538 -18.07 -31.72 -21.14
N SER A 539 -19.33 -31.48 -20.77
CA SER A 539 -19.69 -30.20 -20.16
C SER A 539 -19.12 -30.12 -18.75
N GLU A 540 -18.61 -28.94 -18.41
CA GLU A 540 -18.04 -28.74 -17.09
C GLU A 540 -19.14 -28.63 -16.05
N GLN A 541 -19.00 -29.38 -14.96
CA GLN A 541 -20.03 -29.45 -13.93
C GLN A 541 -19.69 -28.48 -12.81
N LYS A 542 -20.58 -27.51 -12.58
CA LYS A 542 -20.43 -26.55 -11.50
C LYS A 542 -20.71 -27.21 -10.15
N GLN A 543 -20.29 -26.52 -9.09
CA GLN A 543 -20.57 -26.95 -7.74
C GLN A 543 -22.00 -26.61 -7.39
N LYS A 544 -22.77 -27.61 -6.95
CA LYS A 544 -24.18 -27.42 -6.61
C LYS A 544 -24.31 -27.08 -5.12
N VAL A 545 -23.81 -25.90 -4.78
CA VAL A 545 -23.83 -25.43 -3.39
C VAL A 545 -25.22 -24.89 -3.07
N PRO A 546 -25.87 -25.37 -2.01
CA PRO A 546 -27.23 -24.91 -1.69
C PRO A 546 -27.27 -23.44 -1.27
N LEU A 547 -28.38 -22.79 -1.62
CA LEU A 547 -28.58 -21.39 -1.30
C LEU A 547 -29.05 -21.23 0.15
N GLY A 548 -28.84 -20.03 0.68
CA GLY A 548 -29.25 -19.73 2.03
C GLY A 548 -29.95 -18.39 2.11
N THR A 549 -30.80 -18.25 3.12
CA THR A 549 -31.56 -17.04 3.35
C THR A 549 -31.24 -16.47 4.72
N PHE A 550 -31.25 -15.14 4.81
CA PHE A 550 -30.89 -14.43 6.03
C PHE A 550 -32.14 -13.90 6.70
N ARG A 551 -32.24 -14.14 8.02
CA ARG A 551 -33.37 -13.77 8.88
C ARG A 551 -34.71 -14.28 8.36
N THR B 4 27.43 6.61 -23.73
CA THR B 4 26.88 7.11 -24.98
C THR B 4 25.58 7.88 -24.74
N ASN B 5 24.89 8.21 -25.82
CA ASN B 5 23.65 8.97 -25.76
C ASN B 5 22.46 8.05 -25.87
N TYR B 6 21.50 8.21 -24.95
CA TYR B 6 20.28 7.42 -24.93
C TYR B 6 19.06 8.28 -25.20
N SER B 7 19.21 9.31 -26.04
CA SER B 7 18.11 10.21 -26.33
C SER B 7 17.02 9.54 -27.14
N SER B 8 17.39 8.62 -28.02
CA SER B 8 16.42 7.94 -28.86
C SER B 8 15.75 6.76 -28.18
N LEU B 9 16.18 6.41 -26.98
CA LEU B 9 15.67 5.21 -26.33
C LEU B 9 14.32 5.49 -25.67
N ASN B 10 13.59 4.41 -25.40
CA ASN B 10 12.27 4.53 -24.79
C ASN B 10 12.39 4.87 -23.32
N ARG B 11 11.46 5.70 -22.84
CA ARG B 11 11.41 6.11 -21.45
C ARG B 11 10.08 5.69 -20.85
N ALA B 12 10.12 5.28 -19.58
CA ALA B 12 8.89 4.94 -18.87
C ALA B 12 8.15 6.23 -18.54
N GLN B 13 7.07 6.48 -19.26
CA GLN B 13 6.32 7.73 -19.14
C GLN B 13 5.18 7.57 -18.15
N LEU B 14 4.39 8.62 -18.03
CA LEU B 14 3.25 8.67 -17.13
C LEU B 14 1.97 8.86 -17.92
N THR B 15 0.90 8.22 -17.46
CA THR B 15 -0.41 8.38 -18.07
C THR B 15 -1.38 8.95 -17.05
N PHE B 16 -2.56 9.32 -17.56
CA PHE B 16 -3.65 9.87 -16.74
C PHE B 16 -4.02 8.92 -15.61
N GLU B 17 -4.28 7.64 -15.92
CA GLU B 17 -4.82 6.71 -14.94
C GLU B 17 -3.83 6.36 -13.85
N TYR B 18 -2.54 6.70 -14.01
CA TYR B 18 -1.60 6.38 -12.96
C TYR B 18 -1.74 7.33 -11.78
N LEU B 19 -2.36 8.50 -11.97
CA LEU B 19 -2.69 9.35 -10.81
C LEU B 19 -3.69 8.65 -9.90
N HIS B 20 -4.71 8.01 -10.48
CA HIS B 20 -5.67 7.26 -9.70
C HIS B 20 -5.00 6.01 -9.12
N THR B 21 -4.10 5.40 -9.89
CA THR B 21 -3.36 4.23 -9.41
C THR B 21 -2.48 4.58 -8.20
N ASN B 22 -1.78 5.70 -8.27
CA ASN B 22 -1.02 6.24 -7.15
C ASN B 22 -1.94 6.62 -6.00
N SER B 23 -3.16 7.05 -6.30
CA SER B 23 -4.13 7.36 -5.26
C SER B 23 -4.60 6.12 -4.52
N THR B 24 -4.60 4.96 -5.19
CA THR B 24 -5.18 3.77 -4.59
C THR B 24 -4.35 3.17 -3.46
N THR B 25 -3.12 3.66 -3.22
CA THR B 25 -2.33 3.13 -2.12
C THR B 25 -2.88 3.50 -0.76
N HIS B 26 -3.69 4.55 -0.67
CA HIS B 26 -4.19 5.05 0.61
C HIS B 26 -5.56 4.46 0.84
N GLU B 27 -5.61 3.35 1.57
CA GLU B 27 -6.86 2.96 2.21
C GLU B 27 -7.14 3.82 3.43
N PHE B 28 -6.14 4.54 3.92
CA PHE B 28 -6.28 5.53 4.99
C PHE B 28 -6.27 6.91 4.35
N LEU B 29 -7.46 7.52 4.25
CA LEU B 29 -7.56 8.89 3.78
C LEU B 29 -6.92 9.87 4.76
N PHE B 30 -6.89 9.51 6.06
CA PHE B 30 -6.08 10.27 6.99
C PHE B 30 -4.59 10.11 6.71
N GLY B 31 -4.18 8.96 6.17
CA GLY B 31 -2.82 8.84 5.67
C GLY B 31 -2.57 9.72 4.46
N ALA B 32 -3.58 9.88 3.60
CA ALA B 32 -3.45 10.80 2.47
C ALA B 32 -3.31 12.25 2.92
N LEU B 33 -4.04 12.63 3.98
CA LEU B 33 -3.83 13.93 4.62
C LEU B 33 -2.46 13.99 5.29
N ALA B 34 -2.04 12.87 5.87
CA ALA B 34 -0.81 12.81 6.65
C ALA B 34 0.41 13.00 5.77
N GLU B 35 0.33 12.61 4.51
CA GLU B 35 1.48 12.84 3.64
C GLU B 35 1.65 14.32 3.30
N LEU B 36 0.55 15.06 3.19
CA LEU B 36 0.65 16.50 2.97
C LEU B 36 1.17 17.22 4.21
N VAL B 37 0.72 16.80 5.39
CA VAL B 37 1.26 17.42 6.60
C VAL B 37 2.70 16.95 6.84
N ASP B 38 3.09 15.79 6.30
CA ASP B 38 4.49 15.37 6.30
C ASP B 38 5.34 16.27 5.45
N ASN B 39 4.84 16.66 4.27
CA ASN B 39 5.57 17.61 3.43
C ASN B 39 5.67 18.97 4.09
N ALA B 40 4.62 19.38 4.82
CA ALA B 40 4.70 20.62 5.58
C ALA B 40 5.73 20.54 6.70
N ARG B 41 5.85 19.38 7.35
CA ARG B 41 6.89 19.20 8.36
C ARG B 41 8.27 19.20 7.73
N ASP B 42 8.40 18.62 6.54
CA ASP B 42 9.65 18.63 5.79
C ASP B 42 10.01 20.03 5.29
N ALA B 43 9.04 20.93 5.22
CA ALA B 43 9.26 22.32 4.87
C ALA B 43 9.92 23.13 5.99
N ASP B 44 10.13 22.52 7.16
CA ASP B 44 10.53 23.19 8.40
C ASP B 44 9.54 24.30 8.75
N ALA B 45 8.25 24.02 8.56
CA ALA B 45 7.21 24.96 8.90
C ALA B 45 7.03 25.03 10.40
N THR B 46 6.57 26.18 10.86
CA THR B 46 6.17 26.34 12.25
C THR B 46 4.68 26.11 12.45
N ARG B 47 3.90 26.14 11.38
CA ARG B 47 2.44 26.11 11.48
C ARG B 47 1.87 25.65 10.15
N ILE B 48 1.05 24.61 10.16
CA ILE B 48 0.23 24.25 9.01
C ILE B 48 -1.23 24.52 9.34
N ASP B 49 -1.92 25.20 8.44
CA ASP B 49 -3.34 25.44 8.55
C ASP B 49 -4.05 24.50 7.57
N ILE B 50 -4.88 23.61 8.10
CA ILE B 50 -5.65 22.67 7.29
C ILE B 50 -7.10 23.08 7.40
N TYR B 51 -7.56 23.92 6.47
CA TYR B 51 -8.88 24.50 6.54
C TYR B 51 -9.66 24.17 5.28
N ALA B 52 -10.97 24.35 5.37
CA ALA B 52 -11.88 24.06 4.28
C ALA B 52 -12.48 25.34 3.74
N GLU B 53 -12.34 25.57 2.45
CA GLU B 53 -12.95 26.71 1.78
C GLU B 53 -14.22 26.23 1.08
N ARG B 54 -15.36 26.80 1.47
CA ARG B 54 -16.65 26.36 0.95
C ARG B 54 -16.79 26.78 -0.50
N ARG B 55 -16.92 25.79 -1.39
CA ARG B 55 -17.07 26.05 -2.82
C ARG B 55 -18.13 25.07 -3.32
N GLU B 56 -19.38 25.53 -3.41
CA GLU B 56 -20.47 24.65 -3.81
C GLU B 56 -20.42 24.28 -5.28
N ASP B 57 -19.69 25.03 -6.11
CA ASP B 57 -19.58 24.71 -7.52
C ASP B 57 -18.68 23.52 -7.79
N LEU B 58 -17.88 23.09 -6.81
CA LEU B 58 -16.98 21.96 -6.97
C LEU B 58 -17.55 20.73 -6.29
N ARG B 59 -16.98 19.58 -6.62
CA ARG B 59 -17.42 18.32 -6.06
C ARG B 59 -17.04 18.23 -4.59
N GLY B 60 -17.99 17.75 -3.77
CA GLY B 60 -17.81 17.69 -2.34
C GLY B 60 -18.29 18.93 -1.60
N GLY B 61 -18.48 20.03 -2.30
CA GLY B 61 -18.98 21.24 -1.70
C GLY B 61 -17.93 22.14 -1.09
N PHE B 62 -16.68 21.68 -0.99
CA PHE B 62 -15.64 22.48 -0.38
C PHE B 62 -14.28 22.01 -0.88
N MET B 63 -13.28 22.86 -0.72
CA MET B 63 -11.91 22.52 -1.01
C MET B 63 -11.20 22.13 0.30
N LEU B 64 -10.07 21.45 0.16
CA LEU B 64 -9.23 21.11 1.29
C LEU B 64 -7.91 21.83 1.12
N CYS B 65 -7.71 22.89 1.88
CA CYS B 65 -6.55 23.75 1.76
C CYS B 65 -5.52 23.40 2.82
N PHE B 66 -4.25 23.32 2.41
CA PHE B 66 -3.14 22.97 3.29
C PHE B 66 -2.15 24.13 3.23
N LEU B 67 -2.28 25.08 4.15
CA LEU B 67 -1.45 26.27 4.16
C LEU B 67 -0.40 26.14 5.26
N ASP B 68 0.87 26.18 4.87
CA ASP B 68 1.98 26.11 5.82
C ASP B 68 2.95 27.24 5.55
N ASP B 69 3.68 27.63 6.60
CA ASP B 69 4.65 28.72 6.54
C ASP B 69 6.08 28.21 6.39
N GLY B 70 6.27 27.13 5.65
CA GLY B 70 7.56 26.49 5.55
C GLY B 70 8.52 27.20 4.63
N ALA B 71 9.50 26.43 4.14
CA ALA B 71 10.57 27.01 3.34
C ALA B 71 10.10 27.40 1.94
N GLY B 72 8.98 26.85 1.49
CA GLY B 72 8.48 27.16 0.18
C GLY B 72 9.28 26.47 -0.91
N MET B 73 8.94 26.80 -2.16
CA MET B 73 9.56 26.19 -3.32
C MET B 73 9.92 27.23 -4.37
N ASP B 74 11.10 27.05 -4.96
CA ASP B 74 11.49 27.78 -6.14
C ASP B 74 10.89 27.07 -7.36
N PRO B 75 11.01 27.64 -8.57
CA PRO B 75 10.60 26.91 -9.77
C PRO B 75 11.29 25.57 -9.98
N SER B 76 12.54 25.40 -9.54
CA SER B 76 13.22 24.12 -9.72
C SER B 76 12.61 23.04 -8.83
N ASP B 77 12.34 23.34 -7.55
CA ASP B 77 11.69 22.37 -6.67
C ASP B 77 10.25 22.12 -7.09
N ALA B 78 9.56 23.15 -7.55
CA ALA B 78 8.19 23.00 -8.01
C ALA B 78 8.13 22.12 -9.27
N ALA B 79 9.10 22.26 -10.16
CA ALA B 79 9.20 21.34 -11.29
C ALA B 79 9.65 19.96 -10.84
N SER B 80 10.37 19.88 -9.72
CA SER B 80 10.80 18.59 -9.19
C SER B 80 9.69 17.84 -8.46
N VAL B 81 8.55 18.49 -8.20
CA VAL B 81 7.40 17.75 -7.65
C VAL B 81 6.89 16.73 -8.65
N ILE B 82 6.66 17.16 -9.89
CA ILE B 82 6.07 16.28 -10.89
C ILE B 82 7.06 15.26 -11.43
N GLN B 83 8.35 15.45 -11.14
CA GLN B 83 9.30 14.36 -11.27
C GLN B 83 9.09 13.39 -10.11
N PHE B 84 8.49 12.24 -10.40
CA PHE B 84 8.12 11.29 -9.37
C PHE B 84 9.38 10.62 -8.81
N GLY B 85 9.63 10.81 -7.52
CA GLY B 85 10.90 10.44 -6.94
C GLY B 85 11.87 11.60 -6.90
N LYS B 86 12.80 11.52 -5.95
CA LYS B 86 13.79 12.58 -5.78
C LYS B 86 15.06 12.22 -6.56
N ALA B 87 16.11 13.01 -6.40
CA ALA B 87 17.37 12.79 -7.09
C ALA B 87 18.17 11.68 -6.43
N SER B 94 18.52 15.01 6.91
CA SER B 94 18.99 14.08 7.92
C SER B 94 17.83 13.61 8.80
N THR B 95 16.77 14.41 8.85
CA THR B 95 15.62 14.06 9.67
C THR B 95 14.30 14.32 8.94
N GLN B 96 14.34 14.52 7.63
CA GLN B 96 13.12 14.79 6.88
C GLN B 96 12.31 13.51 6.70
N ILE B 97 11.01 13.69 6.46
CA ILE B 97 10.10 12.57 6.28
C ILE B 97 10.10 12.09 4.84
N GLY B 98 10.18 13.03 3.91
CA GLY B 98 10.02 12.72 2.50
C GLY B 98 11.24 12.02 1.95
N GLN B 99 11.06 10.80 1.45
CA GLN B 99 12.13 10.07 0.80
C GLN B 99 11.71 9.42 -0.50
N TYR B 100 10.41 9.31 -0.78
CA TYR B 100 9.92 8.61 -1.95
C TYR B 100 9.61 9.52 -3.12
N GLY B 101 9.41 10.81 -2.87
CA GLY B 101 9.23 11.76 -3.95
C GLY B 101 7.90 11.69 -4.66
N ASN B 102 6.93 10.98 -4.10
CA ASN B 102 5.62 10.91 -4.74
C ASN B 102 4.43 11.16 -3.82
N GLY B 103 4.66 11.35 -2.52
CA GLY B 103 3.57 11.23 -1.57
C GLY B 103 2.55 12.35 -1.63
N LEU B 104 2.95 13.53 -2.10
CA LEU B 104 1.98 14.59 -2.34
C LEU B 104 0.98 14.20 -3.43
N LYS B 105 1.50 13.67 -4.54
CA LYS B 105 0.66 13.20 -5.63
C LYS B 105 -0.12 11.96 -5.25
N SER B 106 0.43 11.16 -4.34
CA SER B 106 -0.26 9.96 -3.88
C SER B 106 -1.41 10.31 -2.96
N GLY B 107 -1.24 11.33 -2.11
CA GLY B 107 -2.28 11.69 -1.18
C GLY B 107 -3.37 12.54 -1.81
N SER B 108 -2.98 13.57 -2.59
CA SER B 108 -3.93 14.56 -3.08
C SER B 108 -4.92 13.97 -4.08
N MET B 109 -4.52 12.95 -4.83
CA MET B 109 -5.47 12.25 -5.67
C MET B 109 -6.32 11.25 -4.92
N ARG B 110 -5.89 10.77 -3.75
CA ARG B 110 -6.81 10.03 -2.90
C ARG B 110 -7.86 10.96 -2.30
N ILE B 111 -7.46 12.18 -1.96
CA ILE B 111 -8.39 13.12 -1.33
C ILE B 111 -9.39 13.67 -2.34
N GLY B 112 -8.89 14.21 -3.45
CA GLY B 112 -9.74 14.87 -4.41
C GLY B 112 -9.34 14.53 -5.84
N LYS B 113 -10.19 14.95 -6.77
CA LYS B 113 -9.90 14.73 -8.17
C LYS B 113 -8.73 15.57 -8.63
N ASP B 114 -8.69 16.84 -8.25
CA ASP B 114 -7.60 17.72 -8.62
C ASP B 114 -6.97 18.30 -7.36
N PHE B 115 -5.83 18.94 -7.56
CA PHE B 115 -5.23 19.76 -6.51
C PHE B 115 -4.44 20.87 -7.16
N ILE B 116 -4.46 22.04 -6.52
CA ILE B 116 -3.69 23.19 -6.95
C ILE B 116 -2.76 23.58 -5.82
N LEU B 117 -1.50 23.84 -6.15
CA LEU B 117 -0.48 24.14 -5.16
C LEU B 117 0.04 25.55 -5.41
N PHE B 118 -0.01 26.38 -4.38
CA PHE B 118 0.57 27.71 -4.42
C PHE B 118 1.72 27.75 -3.44
N THR B 119 2.86 28.27 -3.88
CA THR B 119 4.03 28.32 -3.03
C THR B 119 4.83 29.58 -3.34
N LYS B 120 5.78 29.89 -2.45
CA LYS B 120 6.53 31.13 -2.51
C LYS B 120 7.87 30.90 -1.80
N LYS B 121 8.95 31.42 -2.38
CA LYS B 121 10.29 31.21 -1.83
C LYS B 121 11.21 32.31 -2.35
N GLU B 122 11.63 33.21 -1.44
CA GLU B 122 12.21 34.56 -1.73
C GLU B 122 11.40 35.21 -2.84
N ASP B 123 12.02 35.71 -3.90
CA ASP B 123 11.37 36.59 -4.85
C ASP B 123 10.59 35.85 -5.93
N THR B 124 10.59 34.52 -5.92
CA THR B 124 9.83 33.75 -6.89
C THR B 124 8.72 33.00 -6.17
N MET B 125 7.50 33.12 -6.68
CA MET B 125 6.38 32.34 -6.19
C MET B 125 5.73 31.59 -7.35
N THR B 126 5.30 30.37 -7.08
CA THR B 126 5.01 29.39 -8.11
C THR B 126 3.65 28.76 -7.87
N CYS B 127 2.95 28.46 -8.96
CA CYS B 127 1.70 27.73 -8.90
C CYS B 127 1.90 26.35 -9.54
N LEU B 128 1.39 25.32 -8.89
CA LEU B 128 1.37 23.98 -9.45
C LEU B 128 -0.07 23.51 -9.52
N PHE B 129 -0.57 23.35 -10.74
CA PHE B 129 -1.95 22.94 -10.96
C PHE B 129 -1.96 21.61 -11.68
N LEU B 130 -2.03 20.54 -10.93
CA LEU B 130 -2.16 19.21 -11.49
C LEU B 130 -3.65 18.86 -11.43
N SER B 131 -4.28 18.84 -12.61
CA SER B 131 -5.74 18.76 -12.73
C SER B 131 -6.13 17.50 -13.47
N ARG B 132 -6.86 16.61 -12.80
CA ARG B 132 -7.41 15.47 -13.50
C ARG B 132 -8.63 15.88 -14.33
N THR B 133 -9.39 16.89 -13.89
CA THR B 133 -10.56 17.35 -14.64
C THR B 133 -10.16 17.93 -15.98
N PHE B 134 -9.00 18.58 -16.06
CA PHE B 134 -8.47 19.01 -17.35
C PHE B 134 -8.20 17.82 -18.27
N HIS B 135 -7.66 16.74 -17.71
CA HIS B 135 -7.37 15.57 -18.53
C HIS B 135 -8.65 14.86 -18.97
N GLU B 136 -9.70 14.83 -18.14
CA GLU B 136 -10.97 14.29 -18.59
C GLU B 136 -11.60 15.17 -19.67
N GLU B 137 -11.63 16.48 -19.44
CA GLU B 137 -12.33 17.37 -20.36
C GLU B 137 -11.58 17.61 -21.65
N GLU B 138 -10.29 17.29 -21.72
CA GLU B 138 -9.55 17.44 -22.96
C GLU B 138 -9.08 16.11 -23.55
N GLY B 139 -9.27 15.00 -22.85
CA GLY B 139 -8.91 13.70 -23.38
C GLY B 139 -7.44 13.48 -23.61
N ILE B 140 -6.60 14.08 -22.77
CA ILE B 140 -5.15 14.01 -22.93
C ILE B 140 -4.61 12.95 -21.98
N ASP B 141 -3.85 12.00 -22.52
CA ASP B 141 -3.41 10.84 -21.77
C ASP B 141 -2.27 11.15 -20.81
N GLU B 142 -1.37 12.05 -21.19
CA GLU B 142 -0.21 12.35 -20.38
C GLU B 142 -0.61 13.17 -19.15
N VAL B 143 0.33 13.32 -18.23
CA VAL B 143 0.12 14.07 -17.00
C VAL B 143 0.71 15.44 -17.24
N ILE B 144 -0.12 16.37 -17.72
CA ILE B 144 0.30 17.72 -18.09
C ILE B 144 0.01 18.63 -16.91
N VAL B 145 1.06 19.24 -16.36
CA VAL B 145 0.96 20.07 -15.16
C VAL B 145 1.38 21.49 -15.48
N PRO B 146 0.45 22.46 -15.49
CA PRO B 146 0.85 23.86 -15.54
C PRO B 146 1.67 24.29 -14.33
N LEU B 147 2.81 24.89 -14.60
CA LEU B 147 3.71 25.41 -13.57
C LEU B 147 4.17 26.83 -13.89
N PRO B 148 3.31 27.83 -13.67
CA PRO B 148 3.76 29.20 -13.87
C PRO B 148 4.41 29.78 -12.63
N THR B 149 5.27 30.77 -12.85
CA THR B 149 6.00 31.43 -11.77
C THR B 149 5.82 32.93 -11.89
N TRP B 150 5.38 33.56 -10.82
CA TRP B 150 5.35 35.01 -10.73
C TRP B 150 6.44 35.48 -9.78
N ASN B 151 6.89 36.71 -10.00
CA ASN B 151 7.77 37.35 -9.03
C ASN B 151 7.00 37.68 -7.76
N ALA B 152 7.61 37.37 -6.61
CA ALA B 152 6.87 37.44 -5.35
C ALA B 152 6.64 38.87 -4.86
N ARG B 153 7.23 39.88 -5.48
CA ARG B 153 7.02 41.25 -5.06
C ARG B 153 6.26 42.11 -6.05
N THR B 154 6.63 42.10 -7.33
CA THR B 154 5.98 42.94 -8.32
C THR B 154 5.16 42.17 -9.35
N ARG B 155 5.06 40.85 -9.20
CA ARG B 155 4.05 39.98 -9.84
C ARG B 155 4.17 39.93 -11.35
N GLU B 156 5.34 40.21 -11.92
CA GLU B 156 5.45 39.95 -13.35
C GLU B 156 5.61 38.45 -13.57
N PRO B 157 5.22 37.95 -14.74
CA PRO B 157 5.52 36.55 -15.07
C PRO B 157 7.02 36.31 -15.15
N VAL B 158 7.46 35.21 -14.55
CA VAL B 158 8.86 34.81 -14.57
C VAL B 158 8.93 33.49 -15.32
N THR B 159 9.28 33.56 -16.60
CA THR B 159 9.36 32.39 -17.45
C THR B 159 10.24 32.71 -18.63
N ASP B 160 10.70 31.65 -19.31
CA ASP B 160 11.41 31.78 -20.56
C ASP B 160 10.54 31.53 -21.79
N ASN B 161 9.22 31.39 -21.60
CA ASN B 161 8.33 31.00 -22.68
C ASN B 161 6.98 31.64 -22.40
N VAL B 162 6.72 32.77 -23.05
CA VAL B 162 5.53 33.57 -22.74
C VAL B 162 4.25 32.89 -23.21
N GLU B 163 4.27 32.23 -24.37
CA GLU B 163 3.06 31.53 -24.81
C GLU B 163 2.79 30.30 -23.94
N LYS B 164 3.85 29.64 -23.45
CA LYS B 164 3.67 28.55 -22.49
C LYS B 164 3.08 29.07 -21.19
N PHE B 165 3.53 30.23 -20.72
CA PHE B 165 2.95 30.86 -19.54
C PHE B 165 1.48 31.19 -19.76
N ALA B 166 1.14 31.72 -20.93
CA ALA B 166 -0.24 32.05 -21.25
C ALA B 166 -1.12 30.81 -21.29
N ILE B 167 -0.61 29.72 -21.87
CA ILE B 167 -1.36 28.47 -21.91
C ILE B 167 -1.57 27.90 -20.51
N GLU B 168 -0.51 27.93 -19.68
CA GLU B 168 -0.60 27.43 -18.30
C GLU B 168 -1.59 28.24 -17.48
N THR B 169 -1.53 29.57 -17.59
CA THR B 169 -2.41 30.41 -16.80
C THR B 169 -3.85 30.32 -17.28
N GLU B 170 -4.07 30.25 -18.59
CA GLU B 170 -5.42 30.07 -19.11
C GLU B 170 -6.00 28.72 -18.70
N LEU B 171 -5.15 27.69 -18.63
CA LEU B 171 -5.59 26.40 -18.16
C LEU B 171 -5.96 26.45 -16.68
N ILE B 172 -5.20 27.20 -15.89
CA ILE B 172 -5.50 27.40 -14.48
C ILE B 172 -6.82 28.15 -14.32
N TYR B 173 -7.04 29.20 -15.12
CA TYR B 173 -8.28 29.95 -14.98
C TYR B 173 -9.48 29.19 -15.53
N LYS B 174 -9.26 28.21 -16.39
CA LYS B 174 -10.34 27.36 -16.89
C LYS B 174 -10.73 26.26 -15.93
N TYR B 175 -9.76 25.53 -15.37
CA TYR B 175 -10.10 24.35 -14.57
C TYR B 175 -9.90 24.53 -13.08
N SER B 176 -9.15 25.54 -12.66
CA SER B 176 -8.94 25.84 -11.26
C SER B 176 -10.19 26.50 -10.68
N PRO B 177 -10.34 26.51 -9.33
CA PRO B 177 -11.45 27.24 -8.74
C PRO B 177 -11.26 28.76 -8.74
N PHE B 178 -10.10 29.21 -9.20
CA PHE B 178 -9.73 30.61 -9.26
C PHE B 178 -9.66 31.01 -10.72
N ARG B 179 -10.76 31.57 -11.22
CA ARG B 179 -10.95 31.83 -12.64
C ARG B 179 -10.27 33.10 -13.11
N THR B 180 -9.65 33.86 -12.21
CA THR B 180 -8.99 35.10 -12.57
C THR B 180 -7.61 35.16 -11.94
N GLU B 181 -6.76 36.01 -12.52
CA GLU B 181 -5.44 36.24 -11.96
C GLU B 181 -5.49 36.92 -10.60
N GLU B 182 -6.50 37.76 -10.34
CA GLU B 182 -6.67 38.30 -8.99
C GLU B 182 -7.08 37.22 -8.00
N GLU B 183 -7.89 36.25 -8.44
CA GLU B 183 -8.25 35.16 -7.54
C GLU B 183 -7.08 34.22 -7.31
N VAL B 184 -6.14 34.15 -8.27
CA VAL B 184 -4.89 33.44 -8.03
C VAL B 184 -4.02 34.21 -7.05
N MET B 185 -3.98 35.54 -7.19
CA MET B 185 -3.15 36.37 -6.32
C MET B 185 -3.65 36.36 -4.89
N THR B 186 -4.97 36.21 -4.70
CA THR B 186 -5.53 36.09 -3.36
C THR B 186 -5.02 34.84 -2.66
N GLN B 187 -4.94 33.72 -3.37
CA GLN B 187 -4.34 32.52 -2.80
C GLN B 187 -2.84 32.67 -2.61
N PHE B 188 -2.18 33.49 -3.43
CA PHE B 188 -0.75 33.69 -3.24
C PHE B 188 -0.43 34.56 -2.04
N MET B 189 -1.27 35.55 -1.73
CA MET B 189 -1.13 36.32 -0.50
C MET B 189 -1.87 35.68 0.67
N LYS B 190 -2.50 34.52 0.46
CA LYS B 190 -2.92 33.72 1.62
C LYS B 190 -1.72 33.20 2.39
N ILE B 191 -0.58 33.02 1.73
CA ILE B 191 0.69 32.73 2.39
C ILE B 191 1.18 34.02 3.04
N PRO B 192 1.28 34.09 4.36
CA PRO B 192 1.58 35.38 5.01
C PRO B 192 3.06 35.73 4.99
N GLY B 193 3.93 34.75 5.14
CA GLY B 193 5.35 35.00 5.27
C GLY B 193 6.02 35.23 3.93
N ASP B 194 7.34 35.36 3.99
CA ASP B 194 8.12 35.45 2.76
C ASP B 194 8.19 34.11 2.05
N SER B 195 8.05 33.02 2.78
CA SER B 195 8.09 31.68 2.23
C SER B 195 6.96 30.85 2.81
N GLY B 196 6.45 29.94 2.01
CA GLY B 196 5.38 29.07 2.46
C GLY B 196 4.72 28.39 1.28
N THR B 197 3.86 27.43 1.59
CA THR B 197 3.18 26.65 0.57
C THR B 197 1.70 26.52 0.94
N LEU B 198 0.83 26.78 -0.04
CA LEU B 198 -0.59 26.55 0.10
C LEU B 198 -0.99 25.47 -0.90
N VAL B 199 -1.47 24.34 -0.39
CA VAL B 199 -1.88 23.23 -1.22
C VAL B 199 -3.39 23.09 -1.06
N ILE B 200 -4.12 23.35 -2.14
CA ILE B 200 -5.58 23.30 -2.12
C ILE B 200 -6.01 22.11 -2.95
N ILE B 201 -6.77 21.21 -2.33
CA ILE B 201 -7.30 20.02 -2.99
C ILE B 201 -8.81 20.19 -3.11
N PHE B 202 -9.29 20.19 -4.35
CA PHE B 202 -10.69 20.43 -4.63
C PHE B 202 -11.21 19.30 -5.50
N ASN B 203 -12.52 19.36 -5.77
CA ASN B 203 -13.28 18.28 -6.41
C ASN B 203 -13.09 16.96 -5.68
N LEU B 204 -13.52 16.96 -4.42
CA LEU B 204 -13.18 15.87 -3.50
C LEU B 204 -13.94 14.60 -3.86
N LYS B 205 -13.40 13.47 -3.37
CA LYS B 205 -14.02 12.18 -3.60
C LYS B 205 -15.32 12.07 -2.82
N LEU B 206 -16.33 11.49 -3.46
CA LEU B 206 -17.64 11.30 -2.85
C LEU B 206 -17.83 9.85 -2.47
N MET B 207 -18.83 9.62 -1.63
CA MET B 207 -19.28 8.27 -1.33
C MET B 207 -20.40 7.90 -2.31
N ASP B 208 -21.13 6.83 -1.99
CA ASP B 208 -22.28 6.44 -2.81
C ASP B 208 -23.43 7.44 -2.71
N ASN B 209 -23.59 8.08 -1.56
CA ASN B 209 -24.69 9.02 -1.36
C ASN B 209 -24.38 10.43 -1.86
N GLY B 210 -23.19 10.65 -2.41
CA GLY B 210 -22.81 11.96 -2.90
C GLY B 210 -22.18 12.87 -1.87
N GLU B 211 -22.16 12.47 -0.62
CA GLU B 211 -21.49 13.25 0.41
C GLU B 211 -19.98 13.07 0.28
N PRO B 212 -19.20 14.10 0.63
CA PRO B 212 -17.74 13.95 0.64
C PRO B 212 -17.29 13.02 1.76
N GLU B 213 -16.13 12.41 1.55
CA GLU B 213 -15.60 11.46 2.53
C GLU B 213 -15.09 12.17 3.78
N LEU B 214 -14.57 13.39 3.64
CA LEU B 214 -14.15 14.19 4.77
C LEU B 214 -15.37 14.89 5.37
N ASP B 215 -15.67 14.55 6.62
CA ASP B 215 -16.81 15.13 7.32
C ASP B 215 -16.33 16.35 8.10
N ILE B 216 -16.68 17.53 7.60
CA ILE B 216 -16.29 18.80 8.21
C ILE B 216 -17.49 19.53 8.78
N ILE B 217 -18.64 18.87 8.87
CA ILE B 217 -19.88 19.52 9.27
C ILE B 217 -20.29 19.14 10.68
N SER B 218 -20.09 17.87 11.05
CA SER B 218 -20.50 17.40 12.38
C SER B 218 -19.64 18.01 13.47
N ASN B 219 -18.34 18.14 13.24
CA ASN B 219 -17.43 18.83 14.15
C ASN B 219 -16.76 19.95 13.36
N PRO B 220 -17.08 21.22 13.65
CA PRO B 220 -16.53 22.31 12.84
C PRO B 220 -15.05 22.58 13.10
N ARG B 221 -14.49 22.05 14.19
CA ARG B 221 -13.07 22.18 14.47
C ARG B 221 -12.28 20.96 14.07
N ASP B 222 -12.90 20.01 13.36
CA ASP B 222 -12.28 18.74 13.08
C ASP B 222 -12.57 18.32 11.65
N ILE B 223 -11.65 17.55 11.07
CA ILE B 223 -11.88 16.82 9.84
C ILE B 223 -12.16 15.38 10.23
N GLN B 224 -13.33 14.89 9.89
CA GLN B 224 -13.79 13.61 10.39
C GLN B 224 -14.04 12.65 9.24
N MET B 225 -13.99 11.35 9.56
CA MET B 225 -14.44 10.33 8.64
C MET B 225 -15.96 10.35 8.63
N ALA B 226 -16.55 10.36 7.44
CA ALA B 226 -18.00 10.49 7.33
C ALA B 226 -18.66 9.10 7.39
N GLU B 227 -18.68 8.55 8.60
CA GLU B 227 -19.25 7.23 8.82
C GLU B 227 -19.64 7.13 10.29
N THR B 228 -20.38 6.07 10.63
CA THR B 228 -20.77 5.85 12.01
C THR B 228 -19.56 5.41 12.85
N SER B 229 -19.69 5.54 14.17
CA SER B 229 -18.59 5.21 15.07
C SER B 229 -18.95 3.99 15.91
N PRO B 230 -18.43 2.80 15.57
CA PRO B 230 -18.67 1.62 16.43
C PRO B 230 -17.94 1.67 17.76
N GLU B 231 -18.07 0.59 18.53
CA GLU B 231 -17.51 0.57 19.89
C GLU B 231 -15.99 0.45 19.88
N GLY B 232 -15.45 -0.37 18.99
CA GLY B 232 -14.02 -0.66 19.02
C GLY B 232 -13.17 0.13 18.04
N THR B 233 -13.68 1.26 17.57
CA THR B 233 -12.97 2.06 16.58
C THR B 233 -12.13 3.13 17.25
N LYS B 234 -10.86 3.19 16.88
CA LYS B 234 -9.94 4.14 17.49
C LYS B 234 -10.24 5.55 17.00
N PRO B 235 -10.07 6.57 17.86
CA PRO B 235 -10.36 7.95 17.44
C PRO B 235 -9.40 8.49 16.39
N GLU B 236 -8.21 7.89 16.25
CA GLU B 236 -7.26 8.34 15.25
C GLU B 236 -7.69 7.97 13.84
N ARG B 237 -8.58 6.99 13.69
CA ARG B 237 -9.09 6.60 12.39
C ARG B 237 -10.41 7.25 12.03
N ARG B 238 -11.05 7.95 12.98
CA ARG B 238 -12.26 8.70 12.68
C ARG B 238 -12.07 10.20 12.76
N SER B 239 -11.06 10.67 13.49
CA SER B 239 -10.83 12.09 13.70
C SER B 239 -9.41 12.44 13.27
N PHE B 240 -9.29 13.35 12.30
CA PHE B 240 -7.97 13.80 11.90
C PHE B 240 -7.32 14.67 12.97
N ARG B 241 -8.12 15.30 13.84
CA ARG B 241 -7.58 15.97 15.01
C ARG B 241 -6.83 15.00 15.91
N ALA B 242 -7.48 13.87 16.25
CA ALA B 242 -6.83 12.86 17.07
C ALA B 242 -5.68 12.18 16.34
N TYR B 243 -5.77 12.07 15.02
CA TYR B 243 -4.67 11.48 14.26
C TYR B 243 -3.45 12.39 14.23
N ALA B 244 -3.64 13.67 13.92
CA ALA B 244 -2.54 14.63 13.87
C ALA B 244 -2.02 15.00 15.25
N ALA B 245 -2.77 14.70 16.31
CA ALA B 245 -2.23 14.87 17.65
C ALA B 245 -1.05 13.94 17.92
N VAL B 246 -1.13 12.70 17.45
CA VAL B 246 -0.09 11.71 17.71
C VAL B 246 0.60 11.29 16.42
N LEU B 247 0.49 12.11 15.36
CA LEU B 247 1.15 11.76 14.10
C LEU B 247 2.66 11.85 14.18
N TYR B 248 3.21 12.65 15.10
CA TYR B 248 4.65 12.80 15.19
C TYR B 248 5.12 12.49 16.60
N ILE B 249 6.31 11.89 16.68
CA ILE B 249 6.89 11.56 17.97
C ILE B 249 7.49 12.79 18.66
N ASP B 250 7.72 13.86 17.92
CA ASP B 250 8.17 15.12 18.50
C ASP B 250 7.63 16.25 17.65
N PRO B 251 6.35 16.61 17.83
CA PRO B 251 5.75 17.63 16.97
C PRO B 251 6.25 19.02 17.29
N ARG B 252 7.14 19.54 16.44
CA ARG B 252 7.59 20.91 16.59
C ARG B 252 6.72 21.90 15.83
N MET B 253 5.99 21.44 14.82
CA MET B 253 5.17 22.32 14.02
C MET B 253 3.71 22.22 14.45
N ARG B 254 3.10 23.38 14.64
CA ARG B 254 1.70 23.46 15.02
C ARG B 254 0.82 23.06 13.84
N ILE B 255 -0.27 22.35 14.11
CA ILE B 255 -1.24 21.97 13.10
C ILE B 255 -2.56 22.63 13.46
N PHE B 256 -3.16 23.32 12.49
CA PHE B 256 -4.41 24.04 12.70
C PHE B 256 -5.46 23.45 11.77
N ILE B 257 -6.49 22.86 12.34
CA ILE B 257 -7.60 22.31 11.58
C ILE B 257 -8.77 23.27 11.73
N HIS B 258 -9.19 23.86 10.60
CA HIS B 258 -10.21 24.91 10.53
C HIS B 258 -9.87 26.11 11.42
N GLY B 259 -8.58 26.43 11.51
CA GLY B 259 -8.13 27.55 12.31
C GLY B 259 -7.96 27.25 13.78
N HIS B 260 -8.28 26.04 14.23
CA HIS B 260 -8.14 25.66 15.63
C HIS B 260 -6.93 24.74 15.77
N LYS B 261 -6.01 25.11 16.66
CA LYS B 261 -4.83 24.30 16.89
C LYS B 261 -5.21 23.00 17.57
N VAL B 262 -4.60 21.92 17.13
CA VAL B 262 -4.80 20.62 17.75
C VAL B 262 -3.81 20.47 18.90
N GLN B 263 -4.30 19.95 20.02
CA GLN B 263 -3.42 19.63 21.13
C GLN B 263 -2.61 18.40 20.76
N THR B 264 -1.48 18.61 20.09
CA THR B 264 -0.57 17.52 19.79
C THR B 264 0.09 17.05 21.08
N LYS B 265 0.55 15.80 21.06
CA LYS B 265 1.16 15.25 22.26
C LYS B 265 2.25 14.27 21.88
N ARG B 266 3.37 14.35 22.61
CA ARG B 266 4.33 13.27 22.61
C ARG B 266 3.73 12.14 23.44
N LEU B 267 3.57 10.96 22.83
CA LEU B 267 2.84 9.89 23.48
C LEU B 267 3.60 9.27 24.65
N SER B 268 4.92 9.47 24.72
CA SER B 268 5.68 8.97 25.86
C SER B 268 5.40 9.75 27.13
N CYS B 269 5.07 11.04 27.04
CA CYS B 269 4.82 11.85 28.22
C CYS B 269 3.40 11.71 28.75
N CYS B 270 2.49 11.10 27.98
CA CYS B 270 1.09 10.97 28.38
C CYS B 270 0.79 9.55 28.87
N LEU B 271 1.74 8.92 29.55
CA LEU B 271 1.61 7.54 29.97
C LEU B 271 2.00 7.40 31.43
N TYR B 272 1.32 6.50 32.13
CA TYR B 272 1.60 6.24 33.53
C TYR B 272 2.79 5.29 33.65
N LYS B 273 3.81 5.73 34.40
CA LYS B 273 5.11 5.08 34.60
C LYS B 273 5.77 4.73 33.28
N PRO B 274 6.23 5.72 32.50
CA PRO B 274 6.82 5.41 31.18
C PRO B 274 8.28 4.98 31.31
N ARG B 275 8.52 3.69 31.10
CA ARG B 275 9.85 3.13 31.19
C ARG B 275 10.45 2.96 29.80
N MET B 276 11.72 3.33 29.67
CA MET B 276 12.42 3.31 28.40
C MET B 276 13.35 2.10 28.34
N TYR B 277 13.33 1.42 27.20
CA TYR B 277 14.13 0.22 26.99
C TYR B 277 15.01 0.39 25.77
N LYS B 278 16.29 0.05 25.92
CA LYS B 278 17.27 0.12 24.84
C LYS B 278 17.44 -1.28 24.29
N TYR B 279 16.85 -1.53 23.13
CA TYR B 279 16.95 -2.84 22.47
C TYR B 279 18.02 -2.77 21.41
N THR B 280 19.11 -3.51 21.61
CA THR B 280 20.20 -3.56 20.64
C THR B 280 19.74 -4.38 19.45
N SER B 281 19.45 -3.70 18.34
CA SER B 281 18.91 -4.35 17.16
C SER B 281 20.02 -4.74 16.21
N SER B 282 20.01 -6.01 15.77
CA SER B 282 20.94 -6.44 14.75
C SER B 282 20.59 -5.84 13.39
N ARG B 283 19.30 -5.58 13.15
CA ARG B 283 18.85 -4.88 11.95
C ARG B 283 19.38 -3.45 11.92
N PHE B 284 19.52 -2.83 13.10
CA PHE B 284 20.17 -1.53 13.19
C PHE B 284 21.64 -1.61 12.81
N LYS B 285 22.35 -2.62 13.32
CA LYS B 285 23.80 -2.67 13.12
C LYS B 285 24.16 -3.14 11.71
N THR B 286 23.37 -4.05 11.14
CA THR B 286 23.75 -4.66 9.86
C THR B 286 23.62 -3.69 8.71
N ARG B 287 22.50 -2.97 8.63
CA ARG B 287 22.34 -2.01 7.53
C ARG B 287 23.10 -0.71 7.77
N ALA B 288 23.46 -0.41 9.01
CA ALA B 288 24.43 0.66 9.24
C ALA B 288 25.80 0.25 8.73
N GLU B 289 26.15 -1.02 8.86
CA GLU B 289 27.37 -1.53 8.23
C GLU B 289 27.19 -1.74 6.73
N GLN B 290 25.95 -1.91 6.25
CA GLN B 290 25.74 -2.08 4.82
C GLN B 290 25.81 -0.76 4.07
N GLU B 291 25.37 0.34 4.68
CA GLU B 291 25.36 1.61 3.98
C GLU B 291 26.75 2.23 3.87
N VAL B 292 27.72 1.79 4.69
CA VAL B 292 29.05 2.36 4.59
C VAL B 292 29.86 1.74 3.47
N LYS B 293 29.50 0.54 3.00
CA LYS B 293 30.22 -0.03 1.86
C LYS B 293 29.60 0.38 0.54
N LYS B 294 28.27 0.61 0.54
CA LYS B 294 27.62 1.13 -0.66
C LYS B 294 28.06 2.56 -0.93
N ALA B 295 28.26 3.35 0.13
CA ALA B 295 28.73 4.72 -0.06
C ALA B 295 30.23 4.75 -0.39
N GLU B 296 31.00 3.80 0.13
CA GLU B 296 32.41 3.73 -0.22
C GLU B 296 32.61 3.21 -1.64
N HIS B 297 31.67 2.44 -2.17
CA HIS B 297 31.79 1.94 -3.53
C HIS B 297 31.62 3.06 -4.56
N VAL B 298 30.64 3.94 -4.35
CA VAL B 298 30.47 5.07 -5.25
C VAL B 298 31.50 6.16 -5.01
N ALA B 299 32.13 6.19 -3.83
CA ALA B 299 33.21 7.13 -3.59
C ALA B 299 34.48 6.70 -4.29
N ARG B 300 34.68 5.40 -4.48
CA ARG B 300 35.87 4.91 -5.17
C ARG B 300 35.81 5.23 -6.66
N ILE B 301 34.65 5.03 -7.29
CA ILE B 301 34.52 5.29 -8.72
C ILE B 301 34.48 6.80 -9.00
N ALA B 302 34.04 7.61 -8.02
CA ALA B 302 34.07 9.05 -8.19
C ALA B 302 35.48 9.62 -8.01
N GLU B 303 36.29 8.98 -7.16
CA GLU B 303 37.65 9.46 -6.93
C GLU B 303 38.54 9.20 -8.15
N GLU B 304 38.41 8.02 -8.76
CA GLU B 304 39.18 7.72 -9.96
C GLU B 304 38.65 8.47 -11.18
N LYS B 305 37.39 8.91 -11.14
CA LYS B 305 36.87 9.77 -12.21
C LYS B 305 37.52 11.15 -12.16
N ALA B 306 37.78 11.66 -10.95
CA ALA B 306 38.46 12.93 -10.78
C ALA B 306 39.97 12.83 -10.93
N ARG B 307 40.52 11.62 -10.91
CA ARG B 307 41.96 11.43 -11.03
C ARG B 307 42.39 11.34 -12.49
N ALA B 339 36.85 18.25 -15.03
CA ALA B 339 37.96 17.95 -14.13
C ALA B 339 37.78 18.63 -12.78
N ILE B 340 37.52 19.94 -12.83
CA ILE B 340 37.29 20.70 -11.60
C ILE B 340 35.95 20.31 -10.98
N THR B 341 34.92 20.16 -11.82
CA THR B 341 33.60 19.77 -11.33
C THR B 341 33.59 18.32 -10.86
N LEU B 342 34.36 17.45 -11.50
CA LEU B 342 34.48 16.07 -11.04
C LEU B 342 35.25 15.97 -9.73
N ARG B 343 36.26 16.84 -9.54
CA ARG B 343 36.96 16.90 -8.27
C ARG B 343 36.06 17.44 -7.17
N ARG B 344 35.26 18.45 -7.49
CA ARG B 344 34.34 19.02 -6.50
C ARG B 344 33.19 18.06 -6.19
N GLU B 345 32.83 17.20 -7.15
CA GLU B 345 31.82 16.18 -6.89
C GLU B 345 32.31 15.17 -5.86
N ALA B 346 33.56 14.74 -5.97
CA ALA B 346 34.13 13.81 -5.00
C ALA B 346 34.47 14.49 -3.68
N ASP B 347 34.77 15.79 -3.71
CA ASP B 347 35.15 16.50 -2.50
C ASP B 347 33.97 16.72 -1.58
N VAL B 348 32.83 17.16 -2.13
CA VAL B 348 31.63 17.35 -1.31
C VAL B 348 30.95 16.04 -0.95
N LYS B 349 31.30 14.94 -1.62
CA LYS B 349 30.79 13.64 -1.23
C LYS B 349 31.73 12.91 -0.28
N LYS B 350 32.98 13.36 -0.17
CA LYS B 350 33.91 12.77 0.80
C LYS B 350 33.48 13.10 2.23
N ARG B 351 32.92 14.29 2.45
CA ARG B 351 32.38 14.66 3.74
C ARG B 351 31.11 13.88 4.09
N ILE B 352 30.40 13.38 3.08
CA ILE B 352 29.25 12.50 3.32
C ILE B 352 29.73 11.16 3.89
N LYS B 353 30.86 10.66 3.39
CA LYS B 353 31.43 9.42 3.91
C LYS B 353 31.95 9.59 5.33
N GLU B 354 32.42 10.78 5.69
CA GLU B 354 32.82 11.03 7.07
C GLU B 354 31.62 11.11 8.00
N ALA B 355 30.44 11.46 7.47
CA ALA B 355 29.25 11.56 8.30
C ALA B 355 28.71 10.18 8.67
N LYS B 356 28.70 9.24 7.72
CA LYS B 356 28.14 7.92 7.99
C LYS B 356 29.03 7.07 8.87
N GLN B 357 30.36 7.22 8.75
CA GLN B 357 31.25 6.52 9.66
C GLN B 357 31.21 7.12 11.06
N ARG B 358 30.91 8.42 11.16
CA ARG B 358 30.66 9.05 12.45
C ARG B 358 29.38 8.50 13.09
N ALA B 359 28.38 8.19 12.27
CA ALA B 359 27.15 7.58 12.78
C ALA B 359 27.35 6.16 13.26
N LEU B 360 28.41 5.48 12.79
CA LEU B 360 28.69 4.12 13.27
C LEU B 360 29.15 4.12 14.72
N LYS B 361 29.79 5.21 15.17
CA LYS B 361 30.23 5.30 16.55
C LYS B 361 29.05 5.45 17.52
N GLU B 362 27.93 5.96 17.05
CA GLU B 362 26.70 5.96 17.84
C GLU B 362 26.23 4.52 18.04
N PRO B 363 25.83 4.14 19.25
CA PRO B 363 25.36 2.77 19.47
C PRO B 363 24.05 2.49 18.75
N LYS B 364 23.96 1.30 18.16
CA LYS B 364 22.81 0.92 17.34
C LYS B 364 21.80 0.18 18.21
N GLU B 365 21.05 0.97 18.97
CA GLU B 365 19.98 0.47 19.82
C GLU B 365 18.72 1.26 19.54
N LEU B 366 17.58 0.66 19.87
CA LEU B 366 16.29 1.28 19.62
C LEU B 366 15.60 1.63 20.93
N ASN B 367 14.95 2.78 20.93
CA ASN B 367 14.33 3.32 22.14
C ASN B 367 12.92 2.78 22.25
N PHE B 368 12.74 1.81 23.14
CA PHE B 368 11.45 1.18 23.39
C PHE B 368 10.84 1.84 24.61
N VAL B 369 9.80 2.65 24.41
CA VAL B 369 9.15 3.38 25.50
C VAL B 369 7.79 2.74 25.76
N PHE B 370 7.59 2.26 26.99
CA PHE B 370 6.35 1.60 27.38
C PHE B 370 5.76 2.30 28.59
N GLY B 371 4.49 2.62 28.51
CA GLY B 371 3.79 3.22 29.63
C GLY B 371 2.34 2.82 29.62
N VAL B 372 1.73 2.83 30.80
CA VAL B 372 0.34 2.43 30.94
C VAL B 372 -0.56 3.60 30.56
N ASN B 373 -1.54 3.34 29.70
CA ASN B 373 -2.52 4.34 29.31
C ASN B 373 -3.66 4.33 30.31
N ILE B 374 -3.73 5.36 31.15
CA ILE B 374 -4.74 5.43 32.19
C ILE B 374 -5.92 6.32 31.79
N GLU B 375 -5.73 7.28 30.89
CA GLU B 375 -6.84 8.12 30.46
C GLU B 375 -7.82 7.33 29.58
N HIS B 376 -7.30 6.45 28.73
CA HIS B 376 -8.12 5.46 28.04
C HIS B 376 -7.38 4.14 28.05
N ARG B 377 -7.86 3.20 28.86
CA ARG B 377 -7.27 1.86 28.92
C ARG B 377 -7.47 1.12 27.60
N ASP B 378 -8.66 1.27 26.99
CA ASP B 378 -9.00 0.54 25.78
C ASP B 378 -8.23 1.02 24.56
N LEU B 379 -7.68 2.22 24.59
CA LEU B 379 -6.91 2.75 23.46
C LEU B 379 -5.42 2.45 23.64
N ASP B 380 -5.12 1.18 23.84
CA ASP B 380 -3.74 0.72 23.95
C ASP B 380 -3.30 0.12 22.63
N GLY B 381 -2.01 -0.14 22.54
CA GLY B 381 -1.43 -0.65 21.31
C GLY B 381 -0.08 -0.01 21.07
N MET B 382 0.62 -0.55 20.09
CA MET B 382 1.99 -0.16 19.84
C MET B 382 2.00 0.92 18.78
N PHE B 383 2.67 2.03 19.07
CA PHE B 383 2.73 3.17 18.17
C PHE B 383 4.13 3.20 17.56
N ILE B 384 4.24 2.67 16.35
CA ILE B 384 5.53 2.53 15.68
C ILE B 384 5.75 3.77 14.83
N TYR B 385 6.74 4.58 15.21
CA TYR B 385 7.12 5.76 14.45
C TYR B 385 8.36 5.44 13.63
N ASN B 386 8.38 5.88 12.38
CA ASN B 386 9.55 5.69 11.53
C ASN B 386 10.07 7.05 11.10
N CYS B 387 11.23 7.42 11.64
CA CYS B 387 11.84 8.74 11.52
C CYS B 387 10.81 9.79 11.94
N SER B 388 10.33 9.64 13.17
CA SER B 388 9.44 10.59 13.87
C SER B 388 8.11 10.80 13.14
N ARG B 389 7.61 9.75 12.48
CA ARG B 389 6.31 9.83 11.82
C ARG B 389 5.57 8.53 12.06
N LEU B 390 4.31 8.63 12.46
CA LEU B 390 3.51 7.46 12.81
C LEU B 390 3.19 6.66 11.56
N ILE B 391 3.60 5.41 11.54
CA ILE B 391 3.32 4.48 10.46
C ILE B 391 2.28 3.44 10.88
N LYS B 392 2.56 2.72 11.95
CA LYS B 392 1.62 1.74 12.49
C LYS B 392 1.26 2.12 13.92
N MET B 393 -0.03 2.03 14.21
CA MET B 393 -0.57 2.47 15.48
C MET B 393 -1.60 1.47 15.98
N TYR B 394 -1.75 1.43 17.31
CA TYR B 394 -2.65 0.50 18.01
C TYR B 394 -2.36 -0.97 17.68
N GLU B 395 -1.09 -1.30 17.56
CA GLU B 395 -0.67 -2.66 17.28
C GLU B 395 -0.59 -3.45 18.58
N LYS B 396 -1.20 -4.62 18.60
CA LYS B 396 -1.11 -5.51 19.75
C LYS B 396 0.03 -6.48 19.53
N VAL B 397 1.01 -6.47 20.45
CA VAL B 397 2.13 -7.40 20.41
C VAL B 397 2.25 -8.07 21.76
N GLY B 398 3.00 -9.17 21.79
CA GLY B 398 3.27 -9.91 23.00
C GLY B 398 2.03 -10.49 23.63
N PRO B 399 1.88 -10.29 24.94
CA PRO B 399 0.68 -10.80 25.63
C PRO B 399 -0.59 -10.02 25.35
N GLN B 400 -0.51 -8.89 24.65
CA GLN B 400 -1.72 -8.22 24.19
C GLN B 400 -2.44 -9.03 23.12
N LEU B 401 -1.70 -9.83 22.35
CA LEU B 401 -2.31 -10.73 21.39
C LEU B 401 -3.09 -11.85 22.08
N GLU B 402 -2.61 -12.32 23.22
CA GLU B 402 -3.32 -13.33 23.98
C GLU B 402 -4.58 -12.75 24.59
N GLY B 403 -5.66 -13.54 24.56
CA GLY B 403 -6.88 -13.14 25.20
C GLY B 403 -6.77 -13.35 26.70
N GLY B 404 -6.64 -12.25 27.43
CA GLY B 404 -6.42 -12.35 28.86
C GLY B 404 -6.52 -11.00 29.51
N MET B 405 -6.63 -11.03 30.84
CA MET B 405 -6.93 -9.83 31.60
C MET B 405 -5.70 -8.94 31.74
N ALA B 406 -4.52 -9.55 31.85
CA ALA B 406 -3.30 -8.80 32.10
C ALA B 406 -2.71 -8.23 30.81
N CYS B 407 -1.70 -7.38 30.98
CA CYS B 407 -0.90 -6.76 29.90
C CYS B 407 -1.75 -5.88 28.98
N GLY B 408 -2.87 -5.38 29.47
CA GLY B 408 -3.73 -4.50 28.71
C GLY B 408 -3.67 -3.08 29.25
N GLY B 409 -3.78 -2.11 28.35
CA GLY B 409 -3.65 -0.72 28.72
C GLY B 409 -2.26 -0.15 28.56
N VAL B 410 -1.35 -0.86 27.93
CA VAL B 410 0.03 -0.44 27.77
C VAL B 410 0.21 0.09 26.35
N VAL B 411 0.78 1.28 26.23
CA VAL B 411 1.07 1.91 24.95
C VAL B 411 2.57 1.90 24.76
N GLY B 412 3.02 1.29 23.66
CA GLY B 412 4.43 1.21 23.34
C GLY B 412 4.75 2.11 22.16
N VAL B 413 5.78 2.93 22.34
CA VAL B 413 6.14 3.96 21.38
C VAL B 413 7.61 3.79 21.03
N VAL B 414 7.92 3.72 19.73
CA VAL B 414 9.28 3.54 19.26
C VAL B 414 9.49 4.45 18.05
N ASP B 415 10.67 5.06 17.96
CA ASP B 415 11.08 5.78 16.76
C ASP B 415 12.16 4.96 16.07
N VAL B 416 11.77 4.16 15.08
CA VAL B 416 12.76 3.46 14.28
C VAL B 416 13.30 4.44 13.24
N PRO B 417 14.58 4.37 12.90
CA PRO B 417 15.09 5.26 11.85
C PRO B 417 14.90 4.66 10.47
N TYR B 418 15.39 5.36 9.44
CA TYR B 418 15.14 4.93 8.08
C TYR B 418 15.99 3.73 7.69
N LEU B 419 17.18 3.59 8.28
CA LEU B 419 18.03 2.46 7.94
C LEU B 419 17.59 1.19 8.66
N VAL B 420 16.80 1.31 9.72
CA VAL B 420 16.20 0.13 10.34
C VAL B 420 15.02 -0.35 9.52
N LEU B 421 14.10 0.57 9.21
CA LEU B 421 12.88 0.22 8.49
C LEU B 421 12.54 1.35 7.54
N GLU B 422 12.02 0.98 6.38
CA GLU B 422 11.52 1.92 5.40
C GLU B 422 10.01 1.78 5.30
N PRO B 423 9.27 2.87 5.09
CA PRO B 423 7.82 2.76 5.04
C PRO B 423 7.35 2.23 3.68
N THR B 424 6.07 1.92 3.63
CA THR B 424 5.47 1.45 2.38
C THR B 424 5.09 2.65 1.50
N HIS B 425 4.32 2.38 0.46
CA HIS B 425 3.87 3.43 -0.45
C HIS B 425 2.95 4.42 0.25
N ASN B 426 2.03 3.92 1.05
CA ASN B 426 1.09 4.77 1.77
C ASN B 426 1.67 5.30 3.07
N LYS B 427 2.85 4.82 3.47
CA LYS B 427 3.45 5.07 4.78
C LYS B 427 2.50 4.71 5.91
N GLN B 428 1.81 3.58 5.75
CA GLN B 428 0.97 3.01 6.78
C GLN B 428 1.42 1.61 7.18
N ASP B 429 2.32 1.00 6.43
CA ASP B 429 2.92 -0.29 6.72
C ASP B 429 4.42 -0.17 6.54
N PHE B 430 5.12 -1.28 6.74
CA PHE B 430 6.57 -1.32 6.54
C PHE B 430 6.91 -2.27 5.41
N ALA B 431 7.90 -1.88 4.61
CA ALA B 431 8.28 -2.67 3.44
C ALA B 431 8.90 -4.00 3.84
N ASP B 432 9.80 -3.98 4.82
CA ASP B 432 10.42 -5.21 5.30
C ASP B 432 9.52 -5.81 6.37
N ALA B 433 8.60 -6.67 5.92
CA ALA B 433 7.66 -7.31 6.83
C ALA B 433 8.32 -8.29 7.78
N LYS B 434 9.40 -8.95 7.34
CA LYS B 434 10.10 -9.91 8.18
C LYS B 434 10.75 -9.23 9.38
N GLU B 435 11.52 -8.18 9.15
CA GLU B 435 12.12 -7.47 10.27
C GLU B 435 11.12 -6.57 11.00
N TYR B 436 10.00 -6.20 10.37
CA TYR B 436 8.92 -5.59 11.13
C TYR B 436 8.33 -6.57 12.13
N ARG B 437 8.14 -7.83 11.73
CA ARG B 437 7.66 -8.85 12.66
C ARG B 437 8.70 -9.17 13.72
N HIS B 438 9.98 -9.10 13.35
CA HIS B 438 11.06 -9.23 14.34
C HIS B 438 10.99 -8.10 15.36
N LEU B 439 10.74 -6.87 14.90
CA LEU B 439 10.57 -5.73 15.78
C LEU B 439 9.37 -5.90 16.70
N LEU B 440 8.27 -6.40 16.16
CA LEU B 440 7.07 -6.62 16.97
C LEU B 440 7.28 -7.73 18.00
N ARG B 441 8.02 -8.79 17.65
CA ARG B 441 8.32 -9.83 18.62
C ARG B 441 9.23 -9.34 19.74
N ALA B 442 10.27 -8.57 19.37
CA ALA B 442 11.16 -7.99 20.37
C ALA B 442 10.42 -6.99 21.26
N MET B 443 9.49 -6.23 20.69
CA MET B 443 8.74 -5.28 21.48
C MET B 443 7.71 -5.98 22.35
N GLY B 444 7.25 -7.16 21.94
CA GLY B 444 6.43 -7.98 22.83
C GLY B 444 7.20 -8.52 24.00
N GLU B 445 8.45 -8.96 23.77
CA GLU B 445 9.29 -9.39 24.88
C GLU B 445 9.62 -8.24 25.83
N HIS B 446 9.88 -7.06 25.28
CA HIS B 446 10.10 -5.89 26.12
C HIS B 446 8.84 -5.45 26.84
N LEU B 447 7.66 -5.67 26.23
CA LEU B 447 6.40 -5.43 26.90
C LEU B 447 6.21 -6.36 28.09
N ALA B 448 6.56 -7.64 27.92
CA ALA B 448 6.48 -8.58 29.01
C ALA B 448 7.43 -8.21 30.14
N GLN B 449 8.64 -7.76 29.78
CA GLN B 449 9.59 -7.26 30.77
C GLN B 449 9.06 -6.02 31.50
N TYR B 450 8.47 -5.09 30.75
CA TYR B 450 7.90 -3.88 31.35
C TYR B 450 6.74 -4.21 32.27
N TRP B 451 5.91 -5.19 31.89
CA TRP B 451 4.82 -5.62 32.75
C TRP B 451 5.32 -6.30 34.01
N LYS B 452 6.39 -7.09 33.95
CA LYS B 452 6.83 -7.77 35.16
C LYS B 452 7.65 -6.88 36.09
N ASP B 453 8.32 -5.83 35.59
CA ASP B 453 9.11 -5.05 36.54
C ASP B 453 8.30 -3.99 37.28
N ILE B 454 7.22 -3.46 36.70
CA ILE B 454 6.43 -2.47 37.42
C ILE B 454 5.48 -3.12 38.42
N ALA B 455 5.36 -4.44 38.38
CA ALA B 455 4.78 -5.27 39.45
C ALA B 455 3.29 -4.96 39.67
N ILE B 456 2.57 -4.74 38.58
CA ILE B 456 1.12 -4.62 38.67
C ILE B 456 0.50 -5.96 39.07
N ALA B 457 1.10 -7.06 38.61
CA ALA B 457 0.67 -8.38 39.06
C ALA B 457 0.96 -8.61 40.54
N GLN B 458 2.04 -8.01 41.05
CA GLN B 458 2.32 -8.09 42.48
C GLN B 458 1.34 -7.22 43.28
N ARG B 459 0.90 -6.11 42.70
CA ARG B 459 0.02 -5.21 43.44
C ARG B 459 -1.46 -5.39 43.09
N GLY B 460 -1.79 -6.06 41.98
CA GLY B 460 -3.18 -6.32 41.65
C GLY B 460 -3.73 -5.52 40.48
N ILE B 461 -4.01 -6.23 39.38
CA ILE B 461 -4.52 -5.60 38.16
C ILE B 461 -5.90 -4.98 38.41
N ILE B 462 -6.77 -5.72 39.09
CA ILE B 462 -8.17 -5.33 39.23
C ILE B 462 -8.31 -4.09 40.11
N LYS B 463 -7.66 -4.08 41.27
CA LYS B 463 -7.77 -2.90 42.12
C LYS B 463 -6.92 -1.75 41.59
N PHE B 464 -5.84 -2.06 40.83
CA PHE B 464 -5.08 -1.00 40.17
C PHE B 464 -5.93 -0.25 39.16
N TRP B 465 -6.73 -0.97 38.38
CA TRP B 465 -7.63 -0.30 37.45
C TRP B 465 -8.87 0.26 38.15
N ASP B 466 -9.27 -0.32 39.27
CA ASP B 466 -10.43 0.17 40.00
C ASP B 466 -10.15 1.51 40.67
N GLU B 467 -8.93 1.70 41.16
CA GLU B 467 -8.57 2.96 41.79
C GLU B 467 -8.24 4.06 40.79
N PHE B 468 -8.20 3.74 39.50
CA PHE B 468 -7.84 4.71 38.47
C PHE B 468 -9.03 5.19 37.66
N GLY B 469 -10.25 5.01 38.18
CA GLY B 469 -11.44 5.52 37.54
C GLY B 469 -12.24 4.51 36.75
N TYR B 470 -11.75 3.28 36.61
CA TYR B 470 -12.42 2.25 35.81
C TYR B 470 -13.20 1.36 36.76
N LEU B 471 -14.52 1.52 36.80
CA LEU B 471 -15.38 0.76 37.70
C LEU B 471 -16.13 -0.36 36.99
N SER B 472 -16.53 -0.16 35.75
CA SER B 472 -17.28 -1.18 35.02
C SER B 472 -16.35 -2.31 34.58
N ALA B 473 -16.94 -3.49 34.41
CA ALA B 473 -16.18 -4.66 33.97
C ALA B 473 -15.90 -4.67 32.48
N ASN B 474 -16.56 -3.81 31.71
CA ASN B 474 -16.31 -3.73 30.27
C ASN B 474 -14.97 -3.09 29.99
N TRP B 475 -14.28 -3.58 28.97
CA TRP B 475 -12.98 -3.03 28.60
C TRP B 475 -13.11 -1.70 27.86
N ASN B 476 -14.09 -1.56 26.99
CA ASN B 476 -14.13 -0.45 26.05
C ASN B 476 -14.77 0.81 26.62
N GLN B 477 -15.33 0.76 27.83
CA GLN B 477 -15.96 1.96 28.37
C GLN B 477 -14.90 2.94 28.88
N PRO B 478 -15.15 4.24 28.72
CA PRO B 478 -14.28 5.25 29.32
C PRO B 478 -14.38 5.22 30.83
N PRO B 479 -13.34 5.66 31.55
CA PRO B 479 -13.39 5.63 33.02
C PRO B 479 -14.31 6.71 33.57
N SER B 480 -14.53 6.63 34.88
CA SER B 480 -15.40 7.58 35.57
C SER B 480 -14.76 8.96 35.61
N SER B 481 -15.52 9.97 35.21
CA SER B 481 -15.02 11.34 35.10
C SER B 481 -15.36 12.18 36.34
N GLU B 482 -15.45 11.54 37.51
CA GLU B 482 -15.65 12.29 38.74
C GLU B 482 -14.35 12.97 39.14
N LEU B 483 -14.45 13.87 40.14
CA LEU B 483 -13.36 14.79 40.45
C LEU B 483 -12.15 14.07 41.06
N ARG B 484 -12.39 13.17 42.02
CA ARG B 484 -11.29 12.48 42.68
C ARG B 484 -10.58 11.52 41.73
N TYR B 485 -11.33 10.79 40.90
CA TYR B 485 -10.73 9.88 39.93
C TYR B 485 -10.01 10.64 38.83
N LYS B 486 -10.55 11.78 38.40
CA LYS B 486 -9.88 12.61 37.40
C LYS B 486 -8.58 13.20 37.94
N ARG B 487 -8.59 13.62 39.21
CA ARG B 487 -7.36 14.12 39.83
C ARG B 487 -6.36 13.00 40.07
N ARG B 488 -6.85 11.79 40.36
CA ARG B 488 -5.97 10.63 40.48
C ARG B 488 -5.30 10.29 39.16
N ARG B 489 -6.05 10.38 38.06
CA ARG B 489 -5.48 10.11 36.75
C ARG B 489 -4.52 11.22 36.31
N ALA B 490 -4.88 12.48 36.54
CA ALA B 490 -4.05 13.59 36.12
C ALA B 490 -2.89 13.85 37.06
N MET B 491 -2.86 13.23 38.23
CA MET B 491 -1.72 13.38 39.13
C MET B 491 -0.49 12.66 38.58
N GLU B 492 -0.70 11.46 38.02
CA GLU B 492 0.41 10.69 37.48
C GLU B 492 0.94 11.29 36.17
N ILE B 493 0.05 11.77 35.31
CA ILE B 493 0.44 12.31 34.02
C ILE B 493 0.94 13.74 34.23
N PRO B 494 2.17 14.06 33.86
CA PRO B 494 2.59 15.46 33.86
C PRO B 494 1.94 16.22 32.71
N THR B 495 1.45 17.42 33.00
CA THR B 495 0.77 18.22 31.99
C THR B 495 1.82 18.88 31.12
N THR B 496 1.88 18.47 29.85
CA THR B 496 2.82 19.02 28.89
C THR B 496 2.07 19.86 27.88
N ILE B 497 2.64 21.01 27.52
CA ILE B 497 2.03 21.93 26.59
C ILE B 497 3.13 22.61 25.80
N GLN B 498 2.80 23.04 24.59
CA GLN B 498 3.75 23.63 23.66
C GLN B 498 3.49 25.12 23.51
N CYS B 499 4.56 25.91 23.53
CA CYS B 499 4.42 27.34 23.33
C CYS B 499 4.14 27.64 21.86
N ASP B 500 3.64 28.85 21.60
CA ASP B 500 3.15 29.19 20.28
C ASP B 500 4.25 29.67 19.33
N LEU B 501 5.22 30.45 19.81
CA LEU B 501 6.21 31.02 18.92
C LEU B 501 7.58 30.35 19.02
N CYS B 502 8.07 30.10 20.24
CA CYS B 502 9.35 29.40 20.35
C CYS B 502 9.19 27.90 20.17
N LEU B 503 7.95 27.41 20.22
CA LEU B 503 7.55 26.04 19.87
C LEU B 503 8.15 24.99 20.79
N LYS B 504 8.60 25.39 21.98
CA LYS B 504 9.19 24.46 22.93
C LYS B 504 8.11 23.79 23.76
N TRP B 505 8.43 22.61 24.26
CA TRP B 505 7.50 21.80 25.03
C TRP B 505 7.78 22.01 26.52
N ARG B 506 6.85 22.67 27.20
CA ARG B 506 6.98 22.96 28.62
C ARG B 506 6.12 22.00 29.42
N THR B 507 6.36 21.99 30.74
CA THR B 507 5.63 21.14 31.66
C THR B 507 4.92 22.03 32.69
N LEU B 508 3.66 21.71 32.96
CA LEU B 508 2.87 22.47 33.90
C LEU B 508 2.73 21.70 35.20
N PRO B 509 3.32 22.15 36.31
CA PRO B 509 3.22 21.41 37.58
C PRO B 509 1.86 21.57 38.24
N PHE B 510 0.91 20.75 37.77
CA PHE B 510 -0.49 20.70 38.19
C PHE B 510 -1.19 22.06 38.08
N TYR B 519 -9.18 21.21 22.28
CA TYR B 519 -9.02 22.48 21.57
C TYR B 519 -8.32 23.50 22.46
N PRO B 520 -6.99 23.45 22.52
CA PRO B 520 -6.25 24.36 23.39
C PRO B 520 -6.21 25.78 22.83
N ASP B 521 -6.01 26.72 23.74
CA ASP B 521 -5.90 28.13 23.39
C ASP B 521 -4.46 28.44 23.01
N THR B 522 -4.20 29.70 22.66
CA THR B 522 -2.82 30.10 22.40
C THR B 522 -2.06 30.21 23.72
N TRP B 523 -0.88 29.59 23.76
CA TRP B 523 -0.13 29.47 25.00
C TRP B 523 1.30 29.90 24.77
N VAL B 524 1.82 30.71 25.68
CA VAL B 524 3.20 31.17 25.66
C VAL B 524 3.88 30.61 26.92
N CYS B 525 5.21 30.66 26.92
CA CYS B 525 5.94 30.31 28.12
C CYS B 525 5.83 31.36 29.22
N SER B 526 5.29 32.55 28.90
CA SER B 526 5.17 33.61 29.90
C SER B 526 4.18 33.27 31.00
N MET B 527 3.04 32.67 30.67
CA MET B 527 2.09 32.26 31.70
C MET B 527 2.35 30.86 32.22
N ASN B 528 3.55 30.34 32.08
CA ASN B 528 3.95 29.15 32.80
C ASN B 528 4.13 29.51 34.27
N PRO B 529 3.43 28.86 35.20
CA PRO B 529 3.66 29.16 36.63
C PRO B 529 5.01 28.71 37.15
N ASP B 530 5.70 27.81 36.46
CA ASP B 530 7.02 27.36 36.89
C ASP B 530 8.06 28.39 36.52
N PRO B 531 8.83 28.93 37.47
CA PRO B 531 9.79 29.99 37.14
C PRO B 531 11.06 29.51 36.45
N GLU B 532 11.34 28.21 36.40
CA GLU B 532 12.50 27.76 35.63
C GLU B 532 12.27 27.86 34.13
N GLN B 533 11.06 27.57 33.66
CA GLN B 533 10.72 27.68 32.25
C GLN B 533 9.62 28.71 32.03
N ASP B 534 9.74 29.86 32.67
CA ASP B 534 8.77 30.93 32.53
C ASP B 534 9.10 31.89 31.39
N ARG B 535 10.16 31.62 30.62
CA ARG B 535 10.55 32.47 29.51
C ARG B 535 10.74 31.63 28.26
N CYS B 536 10.65 32.30 27.11
CA CYS B 536 10.78 31.62 25.83
C CYS B 536 12.24 31.31 25.48
N GLU B 537 13.19 32.00 26.08
CA GLU B 537 14.60 31.75 25.83
C GLU B 537 15.17 30.63 26.68
N ALA B 538 14.36 30.07 27.58
CA ALA B 538 14.81 28.97 28.42
C ALA B 538 14.98 27.70 27.58
N SER B 539 15.89 26.83 28.02
CA SER B 539 16.11 25.57 27.33
C SER B 539 14.93 24.63 27.57
N GLU B 540 14.60 23.85 26.54
CA GLU B 540 13.47 22.93 26.63
C GLU B 540 13.84 21.75 27.53
N GLN B 541 13.06 21.57 28.59
CA GLN B 541 13.31 20.50 29.55
C GLN B 541 12.89 19.17 28.91
N LYS B 542 13.86 18.30 28.67
CA LYS B 542 13.58 17.03 28.02
C LYS B 542 12.84 16.10 28.97
N GLN B 543 12.12 15.14 28.37
CA GLN B 543 11.39 14.15 29.15
C GLN B 543 12.35 13.20 29.85
N LYS B 544 12.18 13.02 31.15
CA LYS B 544 12.99 12.10 31.93
C LYS B 544 12.19 10.82 32.15
N VAL B 545 12.74 9.70 31.71
CA VAL B 545 12.06 8.41 31.82
C VAL B 545 12.97 7.43 32.55
N PRO B 546 12.43 6.61 33.45
CA PRO B 546 13.25 5.57 34.07
C PRO B 546 13.67 4.51 33.07
N LEU B 547 14.85 3.96 33.30
CA LEU B 547 15.46 3.00 32.39
C LEU B 547 15.21 1.59 32.88
N GLY B 548 14.78 0.71 31.98
CA GLY B 548 14.59 -0.69 32.28
C GLY B 548 15.57 -1.54 31.50
N THR B 549 16.02 -2.62 32.12
CA THR B 549 16.95 -3.56 31.51
C THR B 549 16.22 -4.84 31.15
N PHE B 550 16.33 -5.26 29.90
CA PHE B 550 15.69 -6.47 29.41
C PHE B 550 16.76 -7.54 29.24
N ARG B 551 16.63 -8.61 30.02
CA ARG B 551 17.55 -9.76 30.04
C ARG B 551 19.01 -9.38 30.26
ZN ZN C . -9.85 -32.60 -19.80
PG ATP D . -2.44 -3.88 -12.75
O1G ATP D . -1.60 -3.24 -11.72
O2G ATP D . -2.37 -5.40 -12.76
O3G ATP D . -3.89 -3.44 -12.71
PB ATP D . -1.91 -4.02 -15.69
O1B ATP D . -2.94 -3.41 -16.53
O2B ATP D . -1.93 -5.54 -15.61
O3B ATP D . -1.95 -3.46 -14.20
PA ATP D . 1.04 -4.01 -15.83
O1A ATP D . 1.77 -2.98 -15.07
O2A ATP D . 0.99 -5.37 -15.16
O3A ATP D . -0.45 -3.59 -16.14
O5' ATP D . 1.62 -4.15 -17.28
C5' ATP D . 1.17 -3.30 -18.35
C4' ATP D . 0.67 -4.20 -19.44
O4' ATP D . 1.54 -5.34 -19.52
C3' ATP D . -0.74 -4.74 -19.25
O3' ATP D . -1.68 -4.09 -20.11
C2' ATP D . -0.64 -6.24 -19.57
O2' ATP D . -1.55 -6.62 -20.59
C1' ATP D . 0.79 -6.41 -20.05
N9 ATP D . 1.44 -7.64 -19.60
C8 ATP D . 2.31 -7.77 -18.56
N7 ATP D . 2.74 -9.00 -18.37
C5 ATP D . 2.10 -9.71 -19.36
C6 ATP D . 2.13 -11.08 -19.73
N6 ATP D . 2.86 -12.00 -19.07
N1 ATP D . 1.38 -11.47 -20.78
C2 ATP D . 0.66 -10.55 -21.42
N3 ATP D . 0.53 -9.25 -21.18
C4 ATP D . 1.30 -8.89 -20.13
MG MG E . -0.70 -5.19 -13.98
ZN ZN F . 7.71 29.98 24.41
PG ATP G . 7.41 11.14 0.23
O1G ATP G . 6.69 11.82 1.34
O2G ATP G . 6.53 10.21 -0.59
O3G ATP G . 8.64 10.37 0.66
PB ATP G . 8.59 13.64 -0.86
O1B ATP G . 10.05 13.58 -1.03
O2B ATP G . 8.07 14.40 0.36
O3B ATP G . 7.93 12.20 -0.82
PA ATP G . 6.44 14.80 -2.51
O1A ATP G . 5.80 14.02 -3.59
O2A ATP G . 5.65 14.89 -1.23
O3A ATP G . 7.88 14.25 -2.15
O5' ATP G . 6.81 16.25 -3.04
C5' ATP G . 7.88 16.45 -3.98
C4' ATP G . 8.80 17.51 -3.43
O4' ATP G . 8.01 18.64 -3.03
C3' ATP G . 9.63 17.09 -2.20
O3' ATP G . 11.00 17.41 -2.37
C2' ATP G . 8.98 17.86 -1.04
O2' ATP G . 9.98 18.29 -0.12
C1' ATP G . 8.38 19.07 -1.74
N9 ATP G . 7.18 19.59 -1.09
C8 ATP G . 5.89 19.14 -1.25
N7 ATP G . 5.00 19.81 -0.55
C5 ATP G . 5.76 20.76 0.11
C6 ATP G . 5.43 21.78 1.02
N6 ATP G . 4.18 22.02 1.43
N1 ATP G . 6.42 22.56 1.48
C2 ATP G . 7.66 22.33 1.07
N3 ATP G . 8.11 21.39 0.24
C4 ATP G . 7.10 20.64 -0.22
MG MG H . 6.35 13.37 -0.04
MG MG I . 8.04 30.37 5.26
#